data_7OG0
#
_entry.id   7OG0
#
_cell.length_a   143.260
_cell.length_b   147.970
_cell.length_c   59.550
_cell.angle_alpha   90.000
_cell.angle_beta   90.000
_cell.angle_gamma   90.000
#
_symmetry.space_group_name_H-M   'P 21 21 2'
#
loop_
_entity.id
_entity.type
_entity.pdbx_description
1 polymer 'ABC-type transport system, periplasmic component, involved in antimicrobial peptide resistance'
2 polymer "RNA (5'-R(P*CP*CP*CP*CP*CP*CP*CP*CP*CP*CP*GP*GP*GP*GP*GP*GP*GP*GP*G)-3')"
3 non-polymer 'CALCIUM ION'
4 water water
#
loop_
_entity_poly.entity_id
_entity_poly.type
_entity_poly.pdbx_seq_one_letter_code
_entity_poly.pdbx_strand_id
1 'polypeptide(L)'
;NGLTYCTHASGFSFNPQTADAGTSMNVVTEQIYNKLFDIKNHSATLTPMLAQSYSISADGKEILLNLRHGVKFHQTPWFT
PTRDFNAEDVVFSINRVLGHNTYLPTLAEANVTYSNPQYKVFHEQARKVRFPYFDSIKLNEKIKSVTALSPYQVKIELFA
PDSSILSHLASQYAIIFSQEYAYQLSADDNLAQLDTHPVGTGPYQVKDYVYNQYVRLVRNENYWKKEAKIEHIIVDLSTD
RSGRLVKFFNNECQIASYPEVSQIGLLKNDDKHYYMQSTDGMNLAYLAFNFDKPLMRDHEIRAAISQSLNRARIIHSIYH
NTATVANNIIPEVSWASTVNTPEFEFDYHPKIAKNKLADKNLLLNLWVINEEQVYNPAPFKMAEMIKWDLAQAGVKVKVR
AVTRPFLTAQLRNQSENYDLILSGWLAGNLDPDGFMRPILSCGTKNELTNLSNWCNEEFDQFMDRAITTSHLSSRAKAYN
EAQELVLRELPIIPIANVKRILVANSRVKGVKMTPFGSLDFSTLYFI
;
A,B
2 'polyribonucleotide' CCCCCCCCCGGGGGGGG D,E
#
# COMPACT_ATOMS: atom_id res chain seq x y z
N GLY A 2 -4.58 -27.31 14.42
CA GLY A 2 -5.03 -26.43 13.29
C GLY A 2 -3.86 -25.66 12.72
N LEU A 3 -3.93 -25.36 11.42
CA LEU A 3 -2.97 -24.50 10.77
C LEU A 3 -3.75 -23.49 9.92
N THR A 4 -3.30 -22.24 9.91
CA THR A 4 -3.88 -21.20 9.08
C THR A 4 -2.86 -20.83 7.99
N TYR A 5 -3.34 -20.78 6.75
CA TYR A 5 -2.56 -20.48 5.58
C TYR A 5 -3.16 -19.23 4.94
N CYS A 6 -2.36 -18.15 4.88
CA CYS A 6 -2.78 -16.84 4.38
C CYS A 6 -2.35 -16.67 2.92
N THR A 7 -3.31 -16.33 2.07
CA THR A 7 -3.10 -16.14 0.63
C THR A 7 -4.08 -15.08 0.10
N HIS A 8 -3.90 -14.70 -1.17
CA HIS A 8 -4.74 -13.71 -1.89
C HIS A 8 -6.13 -14.28 -2.18
N ALA A 9 -7.16 -13.42 -2.13
CA ALA A 9 -8.56 -13.79 -2.44
C ALA A 9 -8.81 -13.70 -3.96
N SER A 10 -7.89 -13.02 -4.67
CA SER A 10 -7.99 -12.74 -6.09
C SER A 10 -8.26 -14.03 -6.88
N GLY A 11 -9.39 -14.05 -7.60
CA GLY A 11 -9.81 -15.12 -8.48
C GLY A 11 -9.83 -16.49 -7.81
N PHE A 12 -10.27 -16.51 -6.55
CA PHE A 12 -10.46 -17.75 -5.82
C PHE A 12 -11.82 -18.35 -6.23
N SER A 13 -11.87 -19.68 -6.20
CA SER A 13 -12.91 -20.49 -6.84
C SER A 13 -12.79 -21.93 -6.32
N PHE A 14 -13.92 -22.64 -6.23
CA PHE A 14 -13.88 -24.08 -5.99
C PHE A 14 -13.88 -24.84 -7.32
N ASN A 15 -13.83 -24.11 -8.43
CA ASN A 15 -13.81 -24.77 -9.71
C ASN A 15 -12.86 -24.08 -10.70
N PRO A 16 -11.65 -24.63 -10.93
CA PRO A 16 -10.70 -24.01 -11.87
C PRO A 16 -11.03 -24.23 -13.36
N GLN A 17 -11.91 -25.19 -13.67
CA GLN A 17 -12.35 -25.45 -15.06
C GLN A 17 -13.07 -24.22 -15.64
N THR A 18 -13.74 -23.45 -14.77
CA THR A 18 -14.51 -22.29 -15.20
C THR A 18 -13.82 -20.98 -14.77
N ALA A 19 -12.83 -21.06 -13.89
CA ALA A 19 -12.06 -19.88 -13.53
C ALA A 19 -11.19 -19.46 -14.72
N ASP A 20 -10.53 -18.30 -14.60
CA ASP A 20 -9.64 -17.83 -15.67
C ASP A 20 -8.37 -18.66 -15.66
N ALA A 21 -7.93 -19.04 -16.85
CA ALA A 21 -6.71 -19.79 -17.05
C ALA A 21 -5.49 -18.91 -16.70
N GLY A 22 -4.50 -19.54 -16.07
CA GLY A 22 -3.15 -18.99 -15.96
C GLY A 22 -2.97 -17.94 -14.87
N THR A 23 -3.82 -17.97 -13.81
CA THR A 23 -3.86 -16.90 -12.81
C THR A 23 -3.59 -17.43 -11.40
N SER A 24 -3.50 -18.76 -11.20
CA SER A 24 -3.57 -19.33 -9.84
C SER A 24 -3.06 -20.78 -9.83
N MET A 25 -2.31 -21.17 -8.78
CA MET A 25 -1.97 -22.57 -8.52
C MET A 25 -3.12 -23.31 -7.81
N ASN A 26 -4.16 -22.60 -7.36
CA ASN A 26 -5.41 -23.23 -6.87
C ASN A 26 -5.11 -24.19 -5.70
N VAL A 27 -4.53 -23.63 -4.64
CA VAL A 27 -4.08 -24.38 -3.48
C VAL A 27 -5.25 -25.16 -2.84
N VAL A 28 -6.45 -24.57 -2.76
CA VAL A 28 -7.61 -25.19 -2.10
C VAL A 28 -8.13 -26.39 -2.91
N THR A 29 -8.34 -26.23 -4.22
CA THR A 29 -9.00 -27.31 -4.98
C THR A 29 -8.02 -28.47 -5.23
N GLU A 30 -6.72 -28.22 -5.13
CA GLU A 30 -5.71 -29.30 -5.23
C GLU A 30 -5.73 -30.17 -3.96
N GLN A 31 -6.34 -29.70 -2.87
CA GLN A 31 -6.46 -30.48 -1.64
C GLN A 31 -7.78 -31.26 -1.56
N ILE A 32 -8.84 -30.75 -2.21
CA ILE A 32 -10.16 -31.35 -2.03
C ILE A 32 -10.51 -32.26 -3.21
N TYR A 33 -9.93 -32.00 -4.39
CA TYR A 33 -10.16 -32.87 -5.55
C TYR A 33 -8.88 -33.63 -5.91
N ASN A 34 -9.02 -34.81 -6.52
CA ASN A 34 -7.92 -35.52 -7.17
C ASN A 34 -8.13 -35.48 -8.69
N LYS A 35 -7.05 -35.79 -9.39
CA LYS A 35 -7.02 -35.93 -10.83
C LYS A 35 -6.67 -37.39 -11.13
N LEU A 36 -6.74 -37.78 -12.41
CA LEU A 36 -6.38 -39.12 -12.82
C LEU A 36 -4.88 -39.36 -12.63
N PHE A 37 -4.08 -38.30 -12.82
CA PHE A 37 -2.63 -38.35 -12.60
C PHE A 37 -2.14 -37.02 -12.01
N ASP A 38 -0.92 -37.05 -11.47
CA ASP A 38 -0.16 -35.88 -11.06
C ASP A 38 1.18 -35.90 -11.80
N ILE A 39 1.70 -34.73 -12.19
CA ILE A 39 3.12 -34.63 -12.57
C ILE A 39 3.82 -33.77 -11.51
N LYS A 40 4.92 -34.32 -10.97
N LYS A 40 4.90 -34.28 -10.90
CA LYS A 40 5.54 -33.82 -9.75
CA LYS A 40 5.55 -33.52 -9.84
C LYS A 40 7.03 -33.49 -9.96
C LYS A 40 7.06 -33.70 -9.91
N ASN A 41 7.60 -33.81 -11.13
CA ASN A 41 9.07 -33.80 -11.34
C ASN A 41 9.43 -33.19 -12.71
N HIS A 42 10.70 -32.78 -12.88
CA HIS A 42 11.26 -32.17 -14.10
C HIS A 42 11.12 -33.13 -15.30
N SER A 43 11.09 -34.43 -15.03
CA SER A 43 11.17 -35.45 -16.07
C SER A 43 9.80 -35.74 -16.69
N ALA A 44 8.73 -35.34 -15.99
CA ALA A 44 7.36 -35.43 -16.52
C ALA A 44 6.85 -36.88 -16.39
N THR A 45 7.35 -37.56 -15.36
CA THR A 45 6.80 -38.82 -14.92
C THR A 45 5.34 -38.63 -14.53
N LEU A 46 4.48 -39.53 -15.02
CA LEU A 46 3.09 -39.57 -14.58
C LEU A 46 2.98 -40.36 -13.27
N THR A 47 2.54 -39.70 -12.21
CA THR A 47 2.22 -40.35 -10.94
C THR A 47 0.78 -40.82 -11.02
N PRO A 48 0.53 -42.14 -10.87
CA PRO A 48 -0.84 -42.66 -10.79
C PRO A 48 -1.60 -42.04 -9.62
N MET A 49 -2.80 -41.52 -9.90
CA MET A 49 -3.70 -41.05 -8.83
C MET A 49 -5.03 -41.80 -8.95
N LEU A 50 -6.09 -41.17 -9.45
CA LEU A 50 -7.38 -41.86 -9.56
C LEU A 50 -7.32 -42.97 -10.61
N ALA A 51 -6.38 -42.85 -11.56
CA ALA A 51 -6.00 -43.96 -12.44
C ALA A 51 -4.76 -44.66 -11.87
N GLN A 52 -4.84 -45.98 -11.72
CA GLN A 52 -3.74 -46.82 -11.25
C GLN A 52 -2.74 -47.04 -12.38
N SER A 53 -3.24 -47.12 -13.61
CA SER A 53 -2.41 -47.41 -14.75
C SER A 53 -3.14 -47.03 -16.05
N TYR A 54 -2.44 -47.14 -17.17
CA TYR A 54 -3.00 -46.86 -18.46
C TYR A 54 -2.20 -47.61 -19.53
N SER A 55 -2.81 -47.79 -20.72
CA SER A 55 -2.07 -48.23 -21.90
C SER A 55 -2.45 -47.33 -23.07
N ILE A 56 -1.54 -47.26 -24.05
CA ILE A 56 -1.81 -46.56 -25.29
C ILE A 56 -1.76 -47.59 -26.42
N SER A 57 -2.69 -47.47 -27.37
CA SER A 57 -2.72 -48.34 -28.55
C SER A 57 -1.47 -48.07 -29.40
N ALA A 58 -1.13 -49.02 -30.27
CA ALA A 58 0.09 -48.93 -31.10
C ALA A 58 -0.03 -47.77 -32.11
N ASP A 59 -1.25 -47.46 -32.55
CA ASP A 59 -1.50 -46.33 -33.46
C ASP A 59 -1.67 -45.02 -32.66
N GLY A 60 -1.68 -45.12 -31.33
CA GLY A 60 -1.59 -43.96 -30.43
C GLY A 60 -2.86 -43.13 -30.36
N LYS A 61 -3.98 -43.69 -30.82
CA LYS A 61 -5.23 -42.95 -30.94
C LYS A 61 -6.23 -43.37 -29.87
N GLU A 62 -5.85 -44.32 -29.01
CA GLU A 62 -6.73 -44.86 -28.01
C GLU A 62 -5.95 -45.02 -26.71
N ILE A 63 -6.50 -44.44 -25.62
CA ILE A 63 -5.91 -44.53 -24.29
C ILE A 63 -6.90 -45.25 -23.37
N LEU A 64 -6.39 -46.23 -22.62
CA LEU A 64 -7.15 -46.93 -21.62
C LEU A 64 -6.67 -46.52 -20.23
N LEU A 65 -7.62 -46.10 -19.40
CA LEU A 65 -7.38 -45.73 -18.02
C LEU A 65 -7.97 -46.81 -17.11
N ASN A 66 -7.12 -47.40 -16.28
CA ASN A 66 -7.57 -48.37 -15.30
C ASN A 66 -7.66 -47.68 -13.93
N LEU A 67 -8.90 -47.58 -13.44
CA LEU A 67 -9.21 -46.74 -12.28
C LEU A 67 -8.96 -47.52 -11.00
N ARG A 68 -8.53 -46.79 -9.97
CA ARG A 68 -8.26 -47.34 -8.64
C ARG A 68 -9.59 -47.74 -8.01
N HIS A 69 -9.61 -48.92 -7.38
CA HIS A 69 -10.76 -49.43 -6.65
C HIS A 69 -10.80 -48.80 -5.25
N GLY A 70 -12.01 -48.67 -4.70
CA GLY A 70 -12.23 -48.45 -3.28
C GLY A 70 -12.17 -46.99 -2.87
N VAL A 71 -12.14 -46.08 -3.85
CA VAL A 71 -11.99 -44.64 -3.61
C VAL A 71 -13.36 -44.06 -3.24
N LYS A 72 -13.39 -43.26 -2.17
CA LYS A 72 -14.62 -42.65 -1.65
C LYS A 72 -14.63 -41.14 -1.95
N PHE A 73 -15.82 -40.64 -2.26
CA PHE A 73 -16.12 -39.24 -2.29
C PHE A 73 -16.46 -38.79 -0.87
N HIS A 74 -16.26 -37.50 -0.59
CA HIS A 74 -16.47 -36.91 0.72
C HIS A 74 -17.92 -37.09 1.18
N GLN A 75 -18.07 -37.49 2.44
CA GLN A 75 -19.33 -37.40 3.16
C GLN A 75 -19.41 -36.01 3.80
N THR A 76 -20.30 -35.17 3.29
CA THR A 76 -20.44 -33.82 3.77
C THR A 76 -21.87 -33.64 4.28
N PRO A 77 -22.18 -32.51 4.97
CA PRO A 77 -23.55 -32.23 5.36
C PRO A 77 -24.50 -32.05 4.17
N TRP A 78 -23.96 -31.77 2.98
CA TRP A 78 -24.77 -31.52 1.78
C TRP A 78 -24.85 -32.76 0.88
N PHE A 79 -24.12 -33.83 1.20
CA PHE A 79 -24.11 -34.98 0.31
C PHE A 79 -23.56 -36.22 1.02
N THR A 80 -24.31 -37.32 0.89
CA THR A 80 -23.91 -38.66 1.32
C THR A 80 -23.78 -39.55 0.10
N PRO A 81 -22.55 -39.95 -0.27
CA PRO A 81 -22.36 -40.82 -1.42
C PRO A 81 -22.85 -42.23 -1.07
N THR A 82 -23.34 -42.97 -2.08
CA THR A 82 -23.82 -44.33 -1.89
C THR A 82 -23.04 -45.33 -2.76
N ARG A 83 -22.08 -44.83 -3.56
CA ARG A 83 -21.14 -45.68 -4.31
C ARG A 83 -19.76 -45.01 -4.35
N ASP A 84 -18.75 -45.86 -4.57
CA ASP A 84 -17.35 -45.47 -4.76
C ASP A 84 -17.17 -44.79 -6.11
N PHE A 85 -16.11 -44.01 -6.24
CA PHE A 85 -15.66 -43.45 -7.51
C PHE A 85 -15.52 -44.58 -8.53
N ASN A 86 -15.87 -44.27 -9.78
CA ASN A 86 -15.79 -45.22 -10.88
C ASN A 86 -15.80 -44.45 -12.20
N ALA A 87 -15.84 -45.21 -13.30
CA ALA A 87 -15.73 -44.69 -14.66
C ALA A 87 -16.78 -43.60 -14.94
N GLU A 88 -17.99 -43.75 -14.40
CA GLU A 88 -19.10 -42.80 -14.59
C GLU A 88 -18.65 -41.38 -14.20
N ASP A 89 -17.84 -41.26 -13.14
CA ASP A 89 -17.35 -39.99 -12.64
C ASP A 89 -16.39 -39.36 -13.66
N VAL A 90 -15.49 -40.17 -14.21
CA VAL A 90 -14.52 -39.70 -15.19
C VAL A 90 -15.26 -39.25 -16.45
N VAL A 91 -16.24 -40.05 -16.88
CA VAL A 91 -16.94 -39.77 -18.10
C VAL A 91 -17.73 -38.47 -17.92
N PHE A 92 -18.44 -38.33 -16.81
CA PHE A 92 -19.19 -37.11 -16.54
C PHE A 92 -18.26 -35.88 -16.57
N SER A 93 -17.09 -36.02 -15.94
CA SER A 93 -16.18 -34.91 -15.71
C SER A 93 -15.54 -34.43 -17.01
N ILE A 94 -15.00 -35.39 -17.78
CA ILE A 94 -14.31 -35.05 -19.02
C ILE A 94 -15.34 -34.65 -20.09
N ASN A 95 -16.52 -35.30 -20.10
CA ASN A 95 -17.56 -35.00 -21.09
C ASN A 95 -18.09 -33.59 -20.87
N ARG A 96 -18.12 -33.11 -19.62
CA ARG A 96 -18.66 -31.78 -19.31
C ARG A 96 -17.80 -30.72 -20.01
N VAL A 97 -16.46 -30.86 -19.93
CA VAL A 97 -15.55 -29.85 -20.48
C VAL A 97 -15.47 -29.99 -22.01
N LEU A 98 -15.66 -31.19 -22.55
CA LEU A 98 -15.70 -31.39 -24.00
C LEU A 98 -16.98 -30.78 -24.59
N GLY A 99 -17.97 -30.57 -23.71
CA GLY A 99 -19.29 -30.09 -24.07
C GLY A 99 -20.19 -31.20 -24.60
N HIS A 100 -19.80 -32.47 -24.35
CA HIS A 100 -20.59 -33.65 -24.79
C HIS A 100 -21.69 -33.95 -23.75
N ARG A 130 -18.72 -22.64 -20.51
CA ARG A 130 -17.47 -21.96 -20.85
C ARG A 130 -16.34 -22.43 -19.90
N PHE A 131 -15.28 -23.00 -20.50
CA PHE A 131 -14.15 -23.63 -19.79
C PHE A 131 -12.84 -23.05 -20.33
N PRO A 132 -12.34 -21.92 -19.80
CA PRO A 132 -11.31 -21.13 -20.49
C PRO A 132 -10.03 -21.87 -20.86
N TYR A 133 -9.51 -22.71 -19.94
CA TYR A 133 -8.29 -23.49 -20.20
C TYR A 133 -8.53 -24.54 -21.30
N PHE A 134 -9.60 -25.33 -21.16
CA PHE A 134 -9.86 -26.43 -22.09
C PHE A 134 -10.22 -25.91 -23.47
N ASP A 135 -10.99 -24.81 -23.53
CA ASP A 135 -11.36 -24.15 -24.79
C ASP A 135 -10.10 -23.55 -25.46
N SER A 136 -9.15 -23.09 -24.66
CA SER A 136 -7.93 -22.45 -25.16
C SER A 136 -6.96 -23.49 -25.73
N ILE A 137 -7.01 -24.74 -25.23
CA ILE A 137 -6.22 -25.85 -25.81
C ILE A 137 -7.06 -26.59 -26.85
N LYS A 138 -8.36 -26.27 -26.94
CA LYS A 138 -9.29 -26.88 -27.92
C LYS A 138 -9.38 -28.38 -27.65
N LEU A 139 -9.75 -28.74 -26.43
CA LEU A 139 -9.69 -30.11 -25.97
C LEU A 139 -10.61 -31.02 -26.81
N ASN A 140 -11.66 -30.45 -27.40
CA ASN A 140 -12.64 -31.24 -28.16
C ASN A 140 -12.14 -31.51 -29.59
N GLU A 141 -11.06 -30.85 -30.01
CA GLU A 141 -10.37 -31.17 -31.27
C GLU A 141 -9.21 -32.14 -31.03
N LYS A 142 -9.01 -32.54 -29.78
CA LYS A 142 -8.02 -33.57 -29.43
C LYS A 142 -8.72 -34.89 -29.11
N ILE A 143 -9.75 -34.83 -28.25
CA ILE A 143 -10.49 -36.01 -27.81
C ILE A 143 -11.77 -36.14 -28.64
N LYS A 144 -11.97 -37.34 -29.20
CA LYS A 144 -13.13 -37.67 -30.00
C LYS A 144 -14.26 -38.15 -29.08
N SER A 145 -13.95 -39.03 -28.12
CA SER A 145 -14.94 -39.50 -27.14
C SER A 145 -14.26 -40.08 -25.89
N VAL A 146 -15.08 -40.26 -24.86
CA VAL A 146 -14.73 -40.82 -23.56
C VAL A 146 -15.89 -41.71 -23.11
N THR A 147 -15.65 -43.02 -23.01
CA THR A 147 -16.70 -43.98 -22.68
C THR A 147 -16.21 -44.90 -21.56
N ALA A 148 -17.14 -45.45 -20.78
CA ALA A 148 -16.81 -46.44 -19.78
C ALA A 148 -16.92 -47.83 -20.43
N LEU A 149 -15.80 -48.53 -20.55
CA LEU A 149 -15.81 -49.91 -21.01
C LEU A 149 -16.37 -50.78 -19.88
N SER A 150 -15.94 -50.50 -18.65
CA SER A 150 -16.43 -51.18 -17.48
C SER A 150 -16.44 -50.20 -16.30
N PRO A 151 -16.98 -50.56 -15.11
CA PRO A 151 -16.98 -49.62 -13.98
C PRO A 151 -15.59 -49.09 -13.60
N TYR A 152 -14.52 -49.81 -13.97
CA TYR A 152 -13.17 -49.46 -13.51
C TYR A 152 -12.19 -49.31 -14.69
N GLN A 153 -12.71 -49.06 -15.91
CA GLN A 153 -11.85 -48.82 -17.09
C GLN A 153 -12.54 -47.85 -18.06
N VAL A 154 -11.84 -46.76 -18.39
CA VAL A 154 -12.32 -45.71 -19.30
C VAL A 154 -11.48 -45.75 -20.58
N LYS A 155 -12.14 -45.53 -21.71
CA LYS A 155 -11.50 -45.43 -23.01
C LYS A 155 -11.61 -44.00 -23.52
N ILE A 156 -10.45 -43.39 -23.81
CA ILE A 156 -10.38 -42.13 -24.50
C ILE A 156 -9.92 -42.44 -25.94
N GLU A 157 -10.68 -41.99 -26.93
CA GLU A 157 -10.16 -42.05 -28.29
C GLU A 157 -9.98 -40.62 -28.81
N LEU A 158 -8.91 -40.45 -29.56
CA LEU A 158 -8.43 -39.18 -30.08
C LEU A 158 -8.67 -39.14 -31.59
N PHE A 159 -8.63 -37.94 -32.16
CA PHE A 159 -8.71 -37.76 -33.60
C PHE A 159 -7.40 -38.24 -34.24
N ALA A 160 -6.28 -37.85 -33.64
CA ALA A 160 -4.93 -38.23 -34.07
C ALA A 160 -4.04 -38.47 -32.85
N PRO A 161 -2.87 -39.15 -32.99
CA PRO A 161 -1.94 -39.28 -31.86
C PRO A 161 -1.57 -37.90 -31.30
N ASP A 162 -1.60 -37.78 -29.97
CA ASP A 162 -1.42 -36.49 -29.29
C ASP A 162 -0.69 -36.74 -27.97
N SER A 163 0.59 -36.35 -27.95
CA SER A 163 1.48 -36.68 -26.87
C SER A 163 1.23 -35.77 -25.65
N SER A 164 0.27 -34.84 -25.72
CA SER A 164 0.06 -33.88 -24.66
C SER A 164 -1.08 -34.31 -23.71
N ILE A 165 -1.90 -35.29 -24.12
CA ILE A 165 -3.21 -35.52 -23.50
C ILE A 165 -3.04 -35.83 -22.01
N LEU A 166 -2.18 -36.79 -21.67
CA LEU A 166 -2.07 -37.24 -20.30
C LEU A 166 -1.56 -36.10 -19.41
N SER A 167 -0.78 -35.18 -19.97
CA SER A 167 -0.29 -34.02 -19.23
C SER A 167 -1.45 -33.10 -18.85
N HIS A 168 -2.39 -32.91 -19.78
CA HIS A 168 -3.57 -32.05 -19.57
C HIS A 168 -4.46 -32.66 -18.47
N LEU A 169 -4.55 -33.99 -18.47
CA LEU A 169 -5.33 -34.70 -17.47
C LEU A 169 -4.61 -34.73 -16.12
N ALA A 170 -3.37 -34.27 -16.09
CA ALA A 170 -2.59 -34.16 -14.84
C ALA A 170 -2.49 -32.71 -14.38
N SER A 171 -3.15 -31.78 -15.08
CA SER A 171 -3.11 -30.37 -14.73
C SER A 171 -4.15 -30.06 -13.65
N GLN A 172 -4.02 -28.89 -13.03
CA GLN A 172 -4.90 -28.49 -11.92
C GLN A 172 -6.37 -28.36 -12.40
N TYR A 173 -6.58 -28.21 -13.72
CA TYR A 173 -7.89 -27.96 -14.33
C TYR A 173 -8.72 -29.26 -14.45
N ALA A 174 -8.06 -30.41 -14.43
CA ALA A 174 -8.64 -31.70 -14.85
C ALA A 174 -9.08 -32.53 -13.63
N ILE A 175 -9.81 -31.85 -12.74
CA ILE A 175 -10.26 -32.45 -11.50
C ILE A 175 -11.49 -33.31 -11.80
N ILE A 176 -11.64 -34.39 -11.03
CA ILE A 176 -12.74 -35.36 -11.20
C ILE A 176 -13.87 -35.07 -10.20
N PHE A 177 -15.06 -34.79 -10.72
CA PHE A 177 -16.27 -34.52 -9.90
C PHE A 177 -17.03 -35.81 -9.61
N SER A 178 -18.06 -35.71 -8.75
CA SER A 178 -18.97 -36.82 -8.45
C SER A 178 -20.19 -36.73 -9.37
N GLN A 179 -20.33 -37.75 -10.23
CA GLN A 179 -21.50 -37.90 -11.10
C GLN A 179 -22.77 -38.10 -10.25
N GLU A 180 -22.67 -38.86 -9.17
CA GLU A 180 -23.82 -39.11 -8.28
C GLU A 180 -24.34 -37.79 -7.70
N TYR A 181 -23.43 -36.93 -7.23
CA TYR A 181 -23.77 -35.61 -6.67
C TYR A 181 -24.40 -34.75 -7.77
N ALA A 182 -23.77 -34.75 -8.95
CA ALA A 182 -24.25 -33.95 -10.08
C ALA A 182 -25.64 -34.41 -10.49
N TYR A 183 -25.93 -35.70 -10.34
CA TYR A 183 -27.24 -36.25 -10.76
C TYR A 183 -28.33 -35.77 -9.81
N GLN A 184 -28.07 -35.92 -8.52
CA GLN A 184 -28.97 -35.49 -7.45
C GLN A 184 -29.31 -34.02 -7.61
N LEU A 185 -28.31 -33.20 -7.91
CA LEU A 185 -28.48 -31.74 -8.01
C LEU A 185 -29.31 -31.38 -9.25
N SER A 186 -29.12 -32.09 -10.36
CA SER A 186 -29.84 -31.82 -11.61
C SER A 186 -31.34 -32.10 -11.47
N ALA A 187 -31.67 -33.10 -10.65
CA ALA A 187 -33.07 -33.48 -10.39
C ALA A 187 -33.86 -32.30 -9.79
N ASP A 188 -33.23 -31.54 -8.90
CA ASP A 188 -33.90 -30.41 -8.24
C ASP A 188 -33.38 -29.06 -8.75
N ASP A 189 -32.86 -29.00 -9.98
CA ASP A 189 -32.35 -27.79 -10.70
C ASP A 189 -30.96 -27.29 -10.23
N ASN A 190 -30.63 -27.44 -8.94
CA ASN A 190 -29.44 -26.90 -8.25
C ASN A 190 -28.10 -27.41 -8.79
N LEU A 191 -27.80 -27.22 -10.07
CA LEU A 191 -26.52 -27.68 -10.62
C LEU A 191 -25.39 -26.69 -10.31
N ALA A 192 -25.74 -25.49 -9.89
CA ALA A 192 -24.78 -24.45 -9.52
C ALA A 192 -24.03 -24.83 -8.24
N GLN A 193 -24.68 -25.63 -7.39
CA GLN A 193 -24.17 -26.01 -6.06
C GLN A 193 -22.97 -26.94 -6.16
N LEU A 194 -22.72 -27.48 -7.36
CA LEU A 194 -21.54 -28.33 -7.64
C LEU A 194 -20.25 -27.56 -7.32
N ASP A 195 -20.26 -26.25 -7.66
CA ASP A 195 -19.12 -25.35 -7.50
C ASP A 195 -19.22 -24.52 -6.22
N THR A 196 -20.36 -24.54 -5.55
CA THR A 196 -20.52 -23.77 -4.31
C THR A 196 -20.27 -24.66 -3.08
N HIS A 197 -20.61 -25.95 -3.19
CA HIS A 197 -20.50 -26.88 -2.07
C HIS A 197 -19.80 -28.16 -2.54
N PRO A 198 -18.45 -28.14 -2.62
CA PRO A 198 -17.70 -29.18 -3.32
C PRO A 198 -17.76 -30.58 -2.67
N VAL A 199 -17.70 -31.60 -3.54
CA VAL A 199 -17.56 -33.01 -3.15
C VAL A 199 -16.42 -33.61 -3.99
N GLY A 200 -15.37 -34.05 -3.31
CA GLY A 200 -14.16 -34.54 -3.93
C GLY A 200 -13.70 -35.85 -3.34
N THR A 201 -12.55 -36.35 -3.83
CA THR A 201 -11.92 -37.57 -3.35
C THR A 201 -10.62 -37.26 -2.61
N GLY A 202 -10.30 -35.96 -2.50
CA GLY A 202 -8.98 -35.48 -2.08
C GLY A 202 -8.76 -35.62 -0.57
N PRO A 203 -7.53 -35.37 -0.08
CA PRO A 203 -7.20 -35.61 1.33
C PRO A 203 -7.83 -34.65 2.36
N TYR A 204 -8.45 -33.57 1.86
CA TYR A 204 -9.23 -32.63 2.69
C TYR A 204 -10.62 -32.44 2.06
N GLN A 205 -11.60 -32.11 2.91
CA GLN A 205 -12.92 -31.70 2.44
C GLN A 205 -13.28 -30.35 3.05
N VAL A 206 -14.23 -29.66 2.40
CA VAL A 206 -14.70 -28.37 2.84
C VAL A 206 -15.67 -28.57 4.00
N LYS A 207 -15.39 -27.91 5.12
CA LYS A 207 -16.29 -27.86 6.28
C LYS A 207 -17.25 -26.68 6.09
N ASP A 208 -16.69 -25.48 5.89
CA ASP A 208 -17.49 -24.30 5.53
C ASP A 208 -16.57 -23.20 5.00
N TYR A 209 -17.17 -22.08 4.59
CA TYR A 209 -16.41 -20.93 4.11
C TYR A 209 -17.27 -19.67 4.15
N VAL A 210 -16.62 -18.54 3.94
CA VAL A 210 -17.25 -17.26 3.83
C VAL A 210 -16.58 -16.55 2.65
N TYR A 211 -17.37 -16.17 1.65
CA TYR A 211 -16.85 -15.56 0.43
C TYR A 211 -15.85 -14.45 0.79
N ASN A 212 -14.62 -14.57 0.25
CA ASN A 212 -13.55 -13.57 0.37
C ASN A 212 -13.03 -13.44 1.81
N GLN A 213 -13.28 -14.42 2.68
CA GLN A 213 -12.81 -14.32 4.05
C GLN A 213 -11.98 -15.56 4.41
N TYR A 214 -12.58 -16.75 4.33
CA TYR A 214 -11.84 -17.97 4.66
C TYR A 214 -12.54 -19.21 4.09
N VAL A 215 -11.76 -20.28 3.94
CA VAL A 215 -12.23 -21.64 3.76
C VAL A 215 -11.70 -22.48 4.91
N ARG A 216 -12.58 -23.26 5.53
CA ARG A 216 -12.25 -24.19 6.59
C ARG A 216 -12.21 -25.60 5.96
N LEU A 217 -11.04 -26.24 6.00
CA LEU A 217 -10.88 -27.60 5.51
C LEU A 217 -10.72 -28.55 6.70
N VAL A 218 -11.27 -29.75 6.56
CA VAL A 218 -11.10 -30.79 7.53
C VAL A 218 -10.61 -32.05 6.82
N ARG A 219 -9.75 -32.80 7.51
CA ARG A 219 -9.14 -34.01 6.96
C ARG A 219 -10.22 -35.00 6.52
N ASN A 220 -10.01 -35.62 5.34
CA ASN A 220 -10.81 -36.73 4.84
C ASN A 220 -10.32 -38.00 5.55
N GLU A 221 -11.18 -38.53 6.43
CA GLU A 221 -10.86 -39.70 7.27
C GLU A 221 -10.93 -41.00 6.42
N ASN A 222 -11.56 -40.95 5.24
CA ASN A 222 -11.65 -42.09 4.31
C ASN A 222 -10.84 -41.85 3.02
N TYR A 223 -9.60 -41.39 3.15
CA TYR A 223 -8.75 -41.12 1.98
C TYR A 223 -8.19 -42.46 1.48
N TRP A 224 -7.74 -42.50 0.22
CA TRP A 224 -7.32 -43.76 -0.43
C TRP A 224 -5.80 -43.97 -0.33
N LYS A 225 -5.12 -43.08 0.39
CA LYS A 225 -3.67 -43.03 0.43
C LYS A 225 -3.31 -42.44 1.79
N LYS A 226 -2.04 -42.30 2.14
CA LYS A 226 -1.67 -41.78 3.47
C LYS A 226 -2.55 -40.57 3.84
N GLU A 227 -3.18 -40.64 5.03
CA GLU A 227 -4.02 -39.56 5.60
C GLU A 227 -3.19 -38.28 5.79
N ALA A 228 -3.86 -37.12 5.69
CA ALA A 228 -3.27 -35.85 6.04
C ALA A 228 -2.94 -35.87 7.53
N LYS A 229 -1.81 -35.24 7.91
CA LYS A 229 -1.35 -35.26 9.28
C LYS A 229 -2.12 -34.24 10.12
N ILE A 230 -2.41 -33.07 9.57
CA ILE A 230 -3.14 -32.00 10.32
C ILE A 230 -4.63 -32.08 9.96
N GLU A 231 -5.47 -32.09 11.01
CA GLU A 231 -6.90 -32.37 10.91
C GLU A 231 -7.66 -31.15 10.40
N HIS A 232 -7.29 -29.95 10.85
CA HIS A 232 -8.00 -28.70 10.51
C HIS A 232 -7.02 -27.71 9.87
N ILE A 233 -7.47 -27.10 8.77
CA ILE A 233 -6.74 -26.08 8.07
C ILE A 233 -7.73 -24.96 7.71
N ILE A 234 -7.40 -23.73 8.09
CA ILE A 234 -8.11 -22.56 7.66
C ILE A 234 -7.26 -21.90 6.57
N VAL A 235 -7.89 -21.62 5.42
CA VAL A 235 -7.27 -20.84 4.38
C VAL A 235 -7.83 -19.42 4.47
N ASP A 236 -6.98 -18.49 4.91
CA ASP A 236 -7.36 -17.10 5.12
C ASP A 236 -7.13 -16.34 3.80
N LEU A 237 -8.20 -15.70 3.29
CA LEU A 237 -8.15 -14.98 2.02
C LEU A 237 -8.30 -13.48 2.22
N SER A 238 -8.46 -13.05 3.47
CA SER A 238 -9.04 -11.76 3.79
C SER A 238 -8.04 -10.58 3.71
N THR A 239 -6.77 -10.79 3.34
CA THR A 239 -5.75 -9.73 3.44
C THR A 239 -4.97 -9.53 2.13
N ASP A 240 -4.49 -8.29 1.94
CA ASP A 240 -3.58 -7.89 0.84
C ASP A 240 -2.15 -8.29 1.22
N ARG A 241 -1.22 -8.19 0.24
CA ARG A 241 0.21 -8.55 0.41
C ARG A 241 0.82 -7.92 1.68
N SER A 242 0.55 -6.63 1.91
CA SER A 242 1.15 -5.85 3.01
C SER A 242 0.85 -6.51 4.36
N GLY A 243 -0.40 -6.92 4.54
CA GLY A 243 -0.92 -7.36 5.83
C GLY A 243 -0.63 -8.82 6.12
N ARG A 244 -0.14 -9.57 5.13
CA ARG A 244 -0.02 -11.02 5.29
C ARG A 244 1.18 -11.33 6.20
N LEU A 245 2.27 -10.57 6.07
CA LEU A 245 3.41 -10.73 6.96
C LEU A 245 3.09 -10.20 8.37
N VAL A 246 2.21 -9.19 8.45
CA VAL A 246 1.75 -8.66 9.73
C VAL A 246 1.00 -9.78 10.47
N LYS A 247 0.09 -10.45 9.76
CA LYS A 247 -0.66 -11.55 10.35
C LYS A 247 0.29 -12.68 10.73
N PHE A 248 1.30 -12.94 9.89
CA PHE A 248 2.24 -14.00 10.12
C PHE A 248 3.00 -13.77 11.43
N PHE A 249 3.62 -12.58 11.59
CA PHE A 249 4.45 -12.31 12.77
C PHE A 249 3.61 -12.08 14.04
N ASN A 250 2.31 -11.88 13.87
CA ASN A 250 1.35 -11.78 14.97
C ASN A 250 0.64 -13.12 15.18
N ASN A 251 1.19 -14.17 14.56
CA ASN A 251 0.84 -15.58 14.78
C ASN A 251 -0.62 -15.88 14.45
N GLU A 252 -1.21 -15.10 13.54
CA GLU A 252 -2.58 -15.32 13.09
C GLU A 252 -2.58 -16.33 11.94
N CYS A 253 -1.39 -16.58 11.35
CA CYS A 253 -1.21 -17.67 10.40
C CYS A 253 0.22 -18.22 10.49
N GLN A 254 0.37 -19.52 10.19
CA GLN A 254 1.64 -20.26 10.34
C GLN A 254 2.36 -20.43 9.00
N ILE A 255 1.65 -20.20 7.89
CA ILE A 255 2.24 -20.12 6.54
C ILE A 255 1.61 -18.92 5.83
N ALA A 256 2.42 -18.19 5.07
CA ALA A 256 1.97 -16.99 4.35
C ALA A 256 2.57 -16.98 2.92
N SER A 257 1.68 -16.94 1.92
CA SER A 257 2.06 -16.99 0.49
C SER A 257 2.24 -15.56 -0.05
N TYR A 258 3.17 -15.44 -1.00
CA TYR A 258 3.36 -14.27 -1.87
C TYR A 258 3.53 -13.00 -1.02
N PRO A 259 4.53 -12.96 -0.13
CA PRO A 259 4.82 -11.77 0.66
C PRO A 259 5.11 -10.52 -0.19
N GLU A 260 4.83 -9.33 0.35
CA GLU A 260 5.30 -8.06 -0.23
C GLU A 260 6.82 -8.20 -0.45
N VAL A 261 7.33 -7.48 -1.47
CA VAL A 261 8.71 -7.66 -1.92
C VAL A 261 9.64 -6.77 -1.08
N SER A 262 9.25 -5.52 -0.77
CA SER A 262 10.05 -4.67 0.13
C SER A 262 10.15 -5.29 1.54
N GLN A 263 9.17 -6.12 1.89
CA GLN A 263 9.11 -6.71 3.21
C GLN A 263 9.98 -7.98 3.29
N ILE A 264 10.45 -8.49 2.14
CA ILE A 264 11.40 -9.63 2.13
C ILE A 264 12.75 -9.10 2.64
N GLY A 265 13.01 -7.81 2.38
CA GLY A 265 14.19 -7.10 2.87
C GLY A 265 14.26 -7.05 4.40
N LEU A 266 13.11 -7.17 5.06
CA LEU A 266 13.00 -7.13 6.54
C LEU A 266 13.24 -8.54 7.12
N LEU A 267 13.21 -9.57 6.25
CA LEU A 267 13.41 -10.98 6.60
C LEU A 267 14.89 -11.38 6.45
N LYS A 268 15.30 -12.34 7.30
CA LYS A 268 16.62 -13.00 7.29
C LYS A 268 16.41 -14.50 7.02
N ASN A 269 17.49 -15.22 6.66
CA ASN A 269 17.41 -16.64 6.27
C ASN A 269 17.76 -17.57 7.45
N ASP A 270 18.48 -17.04 8.44
CA ASP A 270 19.05 -17.84 9.51
C ASP A 270 18.22 -17.70 10.80
N ASP A 271 16.98 -17.18 10.69
CA ASP A 271 16.11 -16.99 11.85
C ASP A 271 15.62 -18.36 12.35
N LYS A 272 15.60 -18.52 13.67
CA LYS A 272 15.18 -19.76 14.27
C LYS A 272 13.65 -19.88 14.23
N HIS A 273 12.93 -18.77 14.05
CA HIS A 273 11.48 -18.74 14.30
C HIS A 273 10.66 -18.88 13.00
N TYR A 274 11.27 -18.63 11.84
CA TYR A 274 10.60 -18.82 10.56
C TYR A 274 11.66 -19.06 9.47
N TYR A 275 11.22 -19.60 8.33
CA TYR A 275 12.04 -19.80 7.16
C TYR A 275 11.23 -19.49 5.90
N MET A 276 11.97 -19.21 4.81
CA MET A 276 11.38 -18.95 3.53
C MET A 276 11.66 -20.11 2.58
N GLN A 277 10.79 -20.26 1.59
CA GLN A 277 11.04 -21.11 0.46
C GLN A 277 10.66 -20.36 -0.79
N SER A 278 11.38 -20.64 -1.88
CA SER A 278 11.05 -20.04 -3.13
C SER A 278 11.30 -21.05 -4.24
N THR A 279 10.50 -20.93 -5.31
CA THR A 279 10.53 -21.86 -6.40
C THR A 279 10.44 -21.06 -7.70
N ASP A 280 11.19 -21.52 -8.69
CA ASP A 280 11.00 -21.13 -10.07
C ASP A 280 9.81 -21.92 -10.62
N GLY A 281 9.43 -21.58 -11.85
CA GLY A 281 8.43 -22.31 -12.59
C GLY A 281 7.95 -21.51 -13.77
N MET A 282 6.73 -21.80 -14.20
CA MET A 282 6.09 -21.08 -15.28
C MET A 282 5.27 -19.98 -14.63
N ASN A 283 5.93 -18.83 -14.41
CA ASN A 283 5.31 -17.67 -13.80
C ASN A 283 5.85 -16.41 -14.48
N LEU A 284 5.16 -15.97 -15.56
CA LEU A 284 5.69 -15.00 -16.53
C LEU A 284 4.80 -13.75 -16.55
N ALA A 285 5.45 -12.58 -16.42
CA ALA A 285 4.84 -11.29 -16.72
C ALA A 285 5.23 -10.89 -18.15
N TYR A 286 4.24 -10.39 -18.90
CA TYR A 286 4.48 -10.01 -20.27
C TYR A 286 3.49 -8.95 -20.71
N LEU A 287 3.85 -8.34 -21.85
CA LEU A 287 3.08 -7.32 -22.52
C LEU A 287 2.62 -7.89 -23.87
N ALA A 288 1.31 -7.85 -24.12
CA ALA A 288 0.73 -8.32 -25.39
C ALA A 288 0.36 -7.12 -26.28
N PHE A 289 0.66 -7.23 -27.58
CA PHE A 289 0.20 -6.27 -28.57
C PHE A 289 -1.14 -6.72 -29.16
N ASN A 290 -2.06 -5.77 -29.36
CA ASN A 290 -3.36 -6.08 -29.96
C ASN A 290 -3.23 -6.05 -31.49
N PHE A 291 -3.24 -7.22 -32.11
CA PHE A 291 -3.11 -7.37 -33.56
C PHE A 291 -4.40 -6.95 -34.27
N ASP A 292 -5.39 -6.50 -33.49
CA ASP A 292 -6.65 -5.99 -34.07
C ASP A 292 -6.45 -4.53 -34.45
N LYS A 293 -5.41 -3.90 -33.88
CA LYS A 293 -5.02 -2.49 -34.15
C LYS A 293 -4.06 -2.49 -35.32
N PRO A 294 -4.40 -1.78 -36.42
CA PRO A 294 -3.57 -1.77 -37.63
C PRO A 294 -2.12 -1.34 -37.43
N LEU A 295 -1.88 -0.41 -36.51
CA LEU A 295 -0.54 0.14 -36.25
C LEU A 295 0.33 -0.83 -35.45
N MET A 296 -0.30 -1.77 -34.74
CA MET A 296 0.44 -2.78 -33.95
C MET A 296 0.93 -3.91 -34.86
N ARG A 297 0.42 -3.94 -36.10
CA ARG A 297 0.81 -4.96 -37.09
C ARG A 297 2.25 -4.69 -37.57
N ASP A 298 2.63 -3.41 -37.64
CA ASP A 298 3.99 -3.02 -38.08
C ASP A 298 5.03 -3.68 -37.16
N HIS A 299 5.82 -4.61 -37.71
CA HIS A 299 6.86 -5.33 -36.94
C HIS A 299 7.95 -4.35 -36.49
N GLU A 300 8.12 -3.25 -37.23
CA GLU A 300 9.12 -2.25 -36.90
C GLU A 300 8.72 -1.54 -35.62
N ILE A 301 7.41 -1.32 -35.44
CA ILE A 301 6.86 -0.64 -34.28
C ILE A 301 7.01 -1.52 -33.02
N ARG A 302 6.63 -2.79 -33.12
CA ARG A 302 6.71 -3.72 -31.96
C ARG A 302 8.16 -3.88 -31.50
N ALA A 303 9.07 -4.07 -32.45
CA ALA A 303 10.49 -4.24 -32.15
C ALA A 303 11.04 -2.99 -31.46
N ALA A 304 10.71 -1.81 -31.99
CA ALA A 304 11.20 -0.55 -31.41
C ALA A 304 10.61 -0.36 -30.00
N ILE A 305 9.35 -0.75 -29.81
CA ILE A 305 8.69 -0.63 -28.51
C ILE A 305 9.39 -1.57 -27.52
N SER A 306 9.73 -2.78 -27.98
CA SER A 306 10.47 -3.74 -27.16
C SER A 306 11.81 -3.12 -26.72
N GLN A 307 12.46 -2.43 -27.67
CA GLN A 307 13.81 -1.89 -27.48
C GLN A 307 13.81 -0.63 -26.61
N SER A 308 12.64 0.00 -26.45
CA SER A 308 12.49 1.20 -25.65
C SER A 308 12.48 0.85 -24.15
N LEU A 309 12.12 -0.41 -23.83
CA LEU A 309 11.87 -0.85 -22.47
C LEU A 309 13.17 -1.27 -21.78
N ASN A 310 13.46 -0.62 -20.65
CA ASN A 310 14.57 -0.97 -19.79
C ASN A 310 14.06 -2.01 -18.78
N ARG A 311 14.11 -3.27 -19.19
CA ARG A 311 13.47 -4.37 -18.46
C ARG A 311 14.27 -4.72 -17.21
N ALA A 312 15.59 -4.55 -17.28
CA ALA A 312 16.49 -4.73 -16.12
C ALA A 312 16.10 -3.75 -15.00
N ARG A 313 15.85 -2.48 -15.37
CA ARG A 313 15.42 -1.46 -14.41
C ARG A 313 14.08 -1.90 -13.81
N ILE A 314 13.17 -2.39 -14.66
CA ILE A 314 11.83 -2.85 -14.23
C ILE A 314 11.98 -4.02 -13.23
N ILE A 315 12.80 -5.01 -13.54
CA ILE A 315 12.92 -6.19 -12.68
C ILE A 315 13.48 -5.75 -11.33
N HIS A 316 14.59 -4.98 -11.33
CA HIS A 316 15.24 -4.53 -10.11
C HIS A 316 14.27 -3.76 -9.23
N SER A 317 13.43 -2.92 -9.86
CA SER A 317 12.66 -1.90 -9.15
C SER A 317 11.30 -2.43 -8.67
N ILE A 318 10.77 -3.48 -9.32
CA ILE A 318 9.44 -4.01 -9.01
C ILE A 318 9.56 -5.30 -8.20
N TYR A 319 10.51 -6.15 -8.58
CA TYR A 319 10.63 -7.50 -8.06
C TYR A 319 11.82 -7.65 -7.11
N HIS A 320 12.67 -6.61 -7.09
CA HIS A 320 13.93 -6.59 -6.34
C HIS A 320 14.82 -7.73 -6.84
N ASN A 321 14.68 -8.89 -6.20
CA ASN A 321 15.56 -10.03 -6.31
C ASN A 321 14.74 -11.31 -6.57
N THR A 322 13.40 -11.18 -6.64
CA THR A 322 12.50 -12.31 -6.68
C THR A 322 12.18 -12.67 -8.14
N ALA A 323 12.80 -11.97 -9.09
CA ALA A 323 12.57 -12.19 -10.53
C ALA A 323 13.84 -11.93 -11.35
N THR A 324 13.89 -12.54 -12.55
CA THR A 324 14.90 -12.27 -13.55
C THR A 324 14.20 -11.87 -14.85
N VAL A 325 14.85 -11.01 -15.63
CA VAL A 325 14.34 -10.56 -16.93
C VAL A 325 14.10 -11.80 -17.79
N ALA A 326 13.01 -11.83 -18.54
CA ALA A 326 12.63 -13.02 -19.30
C ALA A 326 12.89 -12.80 -20.80
N ASN A 327 13.85 -13.57 -21.33
CA ASN A 327 14.22 -13.56 -22.74
C ASN A 327 13.79 -14.89 -23.37
N ASN A 328 12.81 -15.53 -22.74
CA ASN A 328 12.36 -16.88 -23.06
C ASN A 328 10.90 -16.99 -22.60
N ILE A 329 10.09 -17.76 -23.33
CA ILE A 329 8.69 -18.06 -22.91
C ILE A 329 8.73 -19.35 -22.07
N ILE A 330 9.48 -20.34 -22.56
CA ILE A 330 9.59 -21.66 -21.92
C ILE A 330 10.60 -21.56 -20.78
N PRO A 331 10.21 -21.82 -19.52
CA PRO A 331 11.13 -21.72 -18.39
C PRO A 331 12.20 -22.82 -18.39
N GLU A 332 13.29 -22.58 -17.67
CA GLU A 332 14.45 -23.48 -17.67
C GLU A 332 14.14 -24.75 -16.86
N VAL A 333 13.19 -24.68 -15.91
CA VAL A 333 12.78 -25.89 -15.16
C VAL A 333 11.95 -26.85 -16.03
N SER A 334 11.42 -26.39 -17.17
CA SER A 334 10.61 -27.24 -18.07
C SER A 334 11.52 -28.25 -18.78
N TRP A 335 11.04 -29.49 -18.92
CA TRP A 335 11.72 -30.51 -19.73
C TRP A 335 11.88 -30.05 -21.19
N ALA A 336 11.03 -29.10 -21.63
CA ALA A 336 11.05 -28.61 -23.00
C ALA A 336 12.08 -27.50 -23.21
N SER A 337 12.77 -27.07 -22.15
CA SER A 337 13.69 -25.95 -22.25
C SER A 337 14.97 -26.38 -22.98
N THR A 338 15.42 -25.51 -23.88
CA THR A 338 16.64 -25.70 -24.63
C THR A 338 17.72 -24.87 -23.93
N VAL A 339 18.76 -25.55 -23.44
CA VAL A 339 19.97 -24.89 -22.94
C VAL A 339 20.59 -24.12 -24.12
N ASN A 340 21.33 -23.06 -23.80
CA ASN A 340 21.62 -21.94 -24.73
C ASN A 340 20.40 -21.01 -24.74
N THR A 341 20.20 -20.18 -23.69
CA THR A 341 19.30 -19.00 -23.82
C THR A 341 20.00 -18.00 -24.74
N PRO A 342 19.51 -17.74 -25.98
CA PRO A 342 20.26 -16.94 -26.94
C PRO A 342 20.36 -15.47 -26.47
N GLU A 343 20.78 -14.58 -27.38
CA GLU A 343 20.55 -13.16 -27.21
C GLU A 343 19.14 -12.83 -27.73
N PHE A 344 18.45 -11.95 -27.01
CA PHE A 344 17.21 -11.36 -27.48
C PHE A 344 17.57 -10.15 -28.36
N GLU A 345 17.13 -10.17 -29.62
CA GLU A 345 17.52 -9.20 -30.63
C GLU A 345 16.95 -7.81 -30.31
N PHE A 346 15.87 -7.74 -29.53
CA PHE A 346 15.17 -6.49 -29.28
C PHE A 346 15.18 -6.14 -27.78
N ASP A 347 16.33 -6.40 -27.14
CA ASP A 347 16.59 -5.97 -25.77
C ASP A 347 16.77 -4.45 -25.74
N TYR A 348 16.87 -3.89 -24.53
CA TYR A 348 16.98 -2.44 -24.33
C TYR A 348 18.07 -1.85 -25.22
N HIS A 349 17.66 -0.86 -26.03
CA HIS A 349 18.51 -0.03 -26.86
C HIS A 349 17.75 1.27 -27.13
N PRO A 350 17.74 2.22 -26.17
CA PRO A 350 16.80 3.35 -26.22
C PRO A 350 17.04 4.32 -27.38
N LYS A 351 18.25 4.28 -27.96
CA LYS A 351 18.64 5.18 -29.04
C LYS A 351 18.06 4.69 -30.37
N ILE A 352 18.09 3.37 -30.61
CA ILE A 352 17.48 2.76 -31.80
C ILE A 352 15.95 2.94 -31.74
N ALA A 353 15.38 2.71 -30.56
CA ALA A 353 13.93 2.80 -30.34
C ALA A 353 13.44 4.22 -30.68
N LYS A 354 14.16 5.23 -30.16
CA LYS A 354 13.85 6.66 -30.34
C LYS A 354 13.89 7.03 -31.83
N ASN A 355 14.91 6.54 -32.56
CA ASN A 355 15.07 6.74 -34.02
C ASN A 355 13.84 6.25 -34.79
N LYS A 356 13.37 5.05 -34.45
CA LYS A 356 12.31 4.38 -35.20
C LYS A 356 10.94 4.95 -34.84
N LEU A 357 10.76 5.44 -33.61
CA LEU A 357 9.42 5.71 -33.07
C LEU A 357 9.10 7.22 -33.04
N ALA A 358 10.07 8.06 -32.71
CA ALA A 358 9.83 9.48 -32.35
C ALA A 358 9.02 10.23 -33.43
N ASP A 359 9.30 9.91 -34.71
CA ASP A 359 8.72 10.63 -35.85
C ASP A 359 7.26 10.21 -36.10
N LYS A 360 6.81 9.07 -35.56
CA LYS A 360 5.48 8.49 -35.85
C LYS A 360 4.37 9.13 -35.00
N ASN A 361 4.72 9.90 -33.96
CA ASN A 361 3.74 10.58 -33.11
C ASN A 361 2.67 9.58 -32.61
N LEU A 362 3.14 8.48 -32.01
CA LEU A 362 2.28 7.36 -31.61
C LEU A 362 1.57 7.66 -30.29
N LEU A 363 0.32 7.19 -30.19
CA LEU A 363 -0.47 7.23 -28.95
C LEU A 363 -1.01 5.82 -28.69
N LEU A 364 -0.55 5.18 -27.61
CA LEU A 364 -0.93 3.81 -27.27
C LEU A 364 -1.78 3.80 -25.99
N ASN A 365 -2.89 3.06 -26.01
CA ASN A 365 -3.65 2.70 -24.82
C ASN A 365 -3.05 1.42 -24.21
N LEU A 366 -2.65 1.51 -22.94
CA LEU A 366 -2.12 0.39 -22.19
C LEU A 366 -3.10 0.03 -21.05
N TRP A 367 -3.72 -1.15 -21.15
CA TRP A 367 -4.60 -1.66 -20.11
C TRP A 367 -3.78 -2.44 -19.08
N VAL A 368 -4.18 -2.27 -17.81
CA VAL A 368 -3.60 -2.95 -16.67
C VAL A 368 -4.76 -3.49 -15.83
N ILE A 369 -4.68 -4.77 -15.46
CA ILE A 369 -5.73 -5.41 -14.68
C ILE A 369 -5.47 -5.08 -13.20
N ASN A 370 -6.46 -4.45 -12.55
CA ASN A 370 -6.34 -4.07 -11.15
C ASN A 370 -6.67 -5.26 -10.23
N GLU A 371 -5.68 -6.13 -10.05
CA GLU A 371 -5.77 -7.25 -9.13
C GLU A 371 -4.35 -7.59 -8.66
N GLU A 372 -4.26 -8.25 -7.51
CA GLU A 372 -3.07 -8.95 -7.10
C GLU A 372 -2.83 -10.06 -8.12
N GLN A 373 -1.56 -10.18 -8.52
CA GLN A 373 -1.11 -11.07 -9.57
C GLN A 373 0.16 -11.74 -9.06
N VAL A 374 0.23 -13.06 -9.25
CA VAL A 374 1.34 -13.85 -8.75
C VAL A 374 2.62 -13.47 -9.49
N TYR A 375 2.48 -12.96 -10.72
CA TYR A 375 3.60 -12.68 -11.65
C TYR A 375 3.96 -11.18 -11.69
N ASN A 376 3.17 -10.34 -11.01
CA ASN A 376 3.45 -8.91 -10.97
C ASN A 376 2.94 -8.33 -9.65
N PRO A 377 3.85 -7.95 -8.73
CA PRO A 377 3.44 -7.37 -7.44
C PRO A 377 3.02 -5.90 -7.53
N ALA A 378 3.46 -5.19 -8.59
CA ALA A 378 3.14 -3.76 -8.75
C ALA A 378 2.80 -3.45 -10.20
N PRO A 379 1.59 -3.84 -10.68
CA PRO A 379 1.21 -3.68 -12.09
C PRO A 379 1.15 -2.22 -12.59
N PHE A 380 0.67 -1.31 -11.73
CA PHE A 380 0.50 0.11 -12.05
C PHE A 380 1.87 0.79 -12.05
N LYS A 381 2.69 0.42 -11.07
CA LYS A 381 4.04 0.92 -10.98
C LYS A 381 4.83 0.47 -12.22
N MET A 382 4.61 -0.77 -12.68
CA MET A 382 5.27 -1.28 -13.89
C MET A 382 4.76 -0.52 -15.13
N ALA A 383 3.44 -0.34 -15.22
CA ALA A 383 2.81 0.41 -16.31
C ALA A 383 3.43 1.80 -16.44
N GLU A 384 3.60 2.50 -15.31
CA GLU A 384 4.13 3.87 -15.27
C GLU A 384 5.56 3.92 -15.80
N MET A 385 6.34 2.88 -15.49
CA MET A 385 7.73 2.76 -15.92
C MET A 385 7.78 2.52 -17.43
N ILE A 386 6.83 1.74 -17.95
CA ILE A 386 6.69 1.49 -19.39
C ILE A 386 6.31 2.79 -20.11
N LYS A 387 5.35 3.52 -19.53
CA LYS A 387 4.92 4.84 -20.02
C LYS A 387 6.11 5.80 -20.09
N TRP A 388 7.00 5.74 -19.09
CA TRP A 388 8.17 6.60 -19.02
C TRP A 388 9.17 6.25 -20.14
N ASP A 389 9.49 4.96 -20.27
CA ASP A 389 10.52 4.48 -21.21
C ASP A 389 10.11 4.82 -22.65
N LEU A 390 8.81 4.69 -22.95
CA LEU A 390 8.26 4.95 -24.28
C LEU A 390 8.19 6.46 -24.53
N ALA A 391 8.02 7.27 -23.47
CA ALA A 391 8.08 8.75 -23.56
C ALA A 391 9.45 9.18 -24.09
N GLN A 392 10.53 8.58 -23.57
CA GLN A 392 11.91 8.83 -24.02
C GLN A 392 12.08 8.49 -25.51
N ALA A 393 11.36 7.47 -26.00
CA ALA A 393 11.36 7.08 -27.44
C ALA A 393 10.34 7.91 -28.23
N GLY A 394 9.67 8.86 -27.57
CA GLY A 394 8.71 9.79 -28.16
C GLY A 394 7.35 9.17 -28.45
N VAL A 395 6.93 8.22 -27.62
CA VAL A 395 5.62 7.58 -27.74
C VAL A 395 4.81 7.95 -26.49
N LYS A 396 3.61 8.49 -26.72
CA LYS A 396 2.70 8.83 -25.64
C LYS A 396 1.85 7.59 -25.29
N VAL A 397 1.82 7.24 -24.00
CA VAL A 397 1.03 6.14 -23.48
C VAL A 397 0.02 6.65 -22.46
N LYS A 398 -1.25 6.33 -22.70
CA LYS A 398 -2.34 6.48 -21.72
C LYS A 398 -2.57 5.11 -21.07
N VAL A 399 -2.28 5.03 -19.77
CA VAL A 399 -2.53 3.83 -18.97
C VAL A 399 -3.99 3.87 -18.52
N ARG A 400 -4.63 2.71 -18.49
CA ARG A 400 -6.03 2.59 -18.11
C ARG A 400 -6.19 1.35 -17.23
N ALA A 401 -6.42 1.60 -15.94
CA ALA A 401 -6.77 0.60 -14.98
C ALA A 401 -8.14 0.01 -15.33
N VAL A 402 -8.25 -1.30 -15.17
CA VAL A 402 -9.38 -2.06 -15.63
C VAL A 402 -9.55 -3.23 -14.64
N THR A 403 -10.79 -3.64 -14.43
CA THR A 403 -11.09 -4.75 -13.51
C THR A 403 -11.26 -6.03 -14.32
N ARG A 404 -11.05 -7.17 -13.66
CA ARG A 404 -11.13 -8.47 -14.32
C ARG A 404 -12.51 -8.64 -14.95
N PRO A 405 -13.62 -8.38 -14.21
CA PRO A 405 -14.96 -8.43 -14.79
C PRO A 405 -15.14 -7.56 -16.05
N PHE A 406 -14.70 -6.30 -16.00
CA PHE A 406 -14.73 -5.40 -17.17
C PHE A 406 -13.98 -6.05 -18.34
N LEU A 407 -12.73 -6.47 -18.09
CA LEU A 407 -11.86 -7.04 -19.12
C LEU A 407 -12.55 -8.27 -19.71
N THR A 408 -13.07 -9.15 -18.84
CA THR A 408 -13.71 -10.42 -19.24
C THR A 408 -14.90 -10.14 -20.16
N ALA A 409 -15.73 -9.17 -19.78
CA ALA A 409 -16.90 -8.76 -20.53
C ALA A 409 -16.51 -8.30 -21.94
N GLN A 410 -15.48 -7.43 -22.03
CA GLN A 410 -15.05 -6.82 -23.29
C GLN A 410 -14.53 -7.90 -24.24
N LEU A 411 -13.81 -8.89 -23.69
CA LEU A 411 -13.23 -9.96 -24.48
C LEU A 411 -14.34 -10.88 -25.01
N ARG A 412 -15.31 -11.21 -24.15
CA ARG A 412 -16.44 -12.08 -24.53
C ARG A 412 -17.29 -11.39 -25.60
N ASN A 413 -17.33 -10.06 -25.55
CA ASN A 413 -18.10 -9.15 -26.37
C ASN A 413 -17.28 -8.65 -27.58
N GLN A 414 -15.99 -9.00 -27.64
CA GLN A 414 -15.05 -8.57 -28.67
C GLN A 414 -15.11 -7.06 -28.90
N SER A 415 -15.12 -6.28 -27.81
CA SER A 415 -15.12 -4.81 -27.88
C SER A 415 -13.80 -4.22 -27.36
N GLU A 416 -12.84 -5.09 -27.01
CA GLU A 416 -11.54 -4.66 -26.46
C GLU A 416 -10.84 -3.74 -27.47
N ASN A 417 -10.36 -2.59 -26.99
CA ASN A 417 -9.76 -1.57 -27.88
C ASN A 417 -8.42 -1.04 -27.32
N TYR A 418 -7.71 -1.84 -26.54
CA TYR A 418 -6.34 -1.52 -26.11
C TYR A 418 -5.36 -1.73 -27.25
N ASP A 419 -4.21 -1.04 -27.19
CA ASP A 419 -3.08 -1.29 -28.08
C ASP A 419 -2.14 -2.30 -27.41
N LEU A 420 -1.85 -2.05 -26.13
CA LEU A 420 -1.04 -2.91 -25.28
C LEU A 420 -1.86 -3.35 -24.09
N ILE A 421 -1.61 -4.56 -23.59
CA ILE A 421 -2.13 -4.97 -22.31
C ILE A 421 -1.03 -5.75 -21.56
N LEU A 422 -0.93 -5.44 -20.26
CA LEU A 422 0.01 -6.04 -19.37
C LEU A 422 -0.69 -7.17 -18.61
N SER A 423 -0.09 -8.36 -18.68
CA SER A 423 -0.68 -9.57 -18.22
C SER A 423 0.42 -10.54 -17.80
N GLY A 424 0.03 -11.79 -17.61
CA GLY A 424 0.97 -12.82 -17.31
C GLY A 424 0.35 -14.21 -17.39
N TRP A 425 1.18 -15.22 -17.09
CA TRP A 425 0.71 -16.59 -17.06
C TRP A 425 1.41 -17.35 -15.93
N LEU A 426 0.61 -18.10 -15.16
CA LEU A 426 1.10 -19.01 -14.12
C LEU A 426 0.62 -20.43 -14.43
N ALA A 427 1.52 -21.40 -14.26
CA ALA A 427 1.20 -22.79 -14.59
C ALA A 427 2.05 -23.73 -13.70
N GLY A 428 1.41 -24.78 -13.19
CA GLY A 428 2.09 -25.88 -12.53
C GLY A 428 2.42 -26.99 -13.48
N ASN A 429 1.81 -26.92 -14.68
CA ASN A 429 2.06 -27.82 -15.77
C ASN A 429 3.04 -27.15 -16.75
N LEU A 430 4.20 -27.78 -16.93
CA LEU A 430 5.30 -27.18 -17.67
C LEU A 430 5.40 -27.78 -19.09
N ASP A 431 4.36 -28.49 -19.55
CA ASP A 431 4.23 -28.85 -20.99
C ASP A 431 3.88 -27.56 -21.75
N PRO A 432 4.70 -27.11 -22.72
CA PRO A 432 4.36 -25.90 -23.48
C PRO A 432 3.03 -25.97 -24.25
N ASP A 433 2.48 -27.17 -24.50
CA ASP A 433 1.12 -27.28 -25.05
C ASP A 433 0.10 -26.64 -24.10
N GLY A 434 0.38 -26.66 -22.79
CA GLY A 434 -0.53 -26.13 -21.79
C GLY A 434 -0.38 -24.64 -21.52
N PHE A 435 0.68 -23.97 -22.04
CA PHE A 435 0.76 -22.51 -21.82
C PHE A 435 0.99 -21.74 -23.13
N MET A 436 1.96 -22.16 -23.96
CA MET A 436 2.22 -21.41 -25.20
C MET A 436 0.97 -21.42 -26.09
N ARG A 437 0.21 -22.54 -26.08
CA ARG A 437 -0.94 -22.71 -26.98
C ARG A 437 -2.08 -21.77 -26.58
N PRO A 438 -2.54 -21.73 -25.30
CA PRO A 438 -3.60 -20.79 -24.88
C PRO A 438 -3.29 -19.31 -25.17
N ILE A 439 -2.01 -18.95 -25.06
CA ILE A 439 -1.58 -17.57 -25.14
C ILE A 439 -1.49 -17.11 -26.61
N LEU A 440 -1.11 -18.01 -27.54
CA LEU A 440 -0.69 -17.54 -28.86
C LEU A 440 -1.30 -18.30 -30.05
N SER A 441 -2.04 -19.39 -29.81
CA SER A 441 -2.59 -20.18 -30.91
C SER A 441 -3.87 -19.55 -31.48
N CYS A 442 -4.12 -19.82 -32.76
CA CYS A 442 -5.36 -19.43 -33.45
C CYS A 442 -6.55 -20.10 -32.73
N GLY A 443 -7.66 -19.38 -32.68
CA GLY A 443 -8.88 -19.82 -32.07
C GLY A 443 -9.91 -18.71 -32.03
N THR A 444 -11.18 -19.13 -32.00
CA THR A 444 -12.28 -18.22 -31.78
C THR A 444 -12.69 -18.26 -30.31
N LYS A 445 -12.37 -19.36 -29.61
CA LYS A 445 -12.80 -19.55 -28.20
C LYS A 445 -11.60 -19.51 -27.24
N ASN A 446 -10.65 -18.62 -27.54
CA ASN A 446 -9.41 -18.40 -26.76
C ASN A 446 -9.29 -16.91 -26.41
N GLU A 447 -10.43 -16.22 -26.41
CA GLU A 447 -10.52 -14.76 -26.26
C GLU A 447 -10.01 -14.30 -24.89
N LEU A 448 -10.07 -15.18 -23.89
CA LEU A 448 -9.67 -14.84 -22.53
C LEU A 448 -8.16 -14.98 -22.33
N THR A 449 -7.49 -15.78 -23.18
CA THR A 449 -6.10 -16.20 -22.95
C THR A 449 -5.17 -15.63 -24.04
N ASN A 450 -5.67 -15.47 -25.27
CA ASN A 450 -4.89 -14.91 -26.38
C ASN A 450 -5.30 -13.44 -26.54
N LEU A 451 -4.67 -12.57 -25.74
CA LEU A 451 -4.95 -11.13 -25.68
C LEU A 451 -4.27 -10.38 -26.84
N SER A 452 -3.37 -11.07 -27.57
CA SER A 452 -2.70 -10.49 -28.74
C SER A 452 -3.64 -10.49 -29.96
N ASN A 453 -4.66 -11.35 -29.92
CA ASN A 453 -5.51 -11.62 -31.05
C ASN A 453 -4.62 -12.07 -32.21
N TRP A 454 -3.60 -12.88 -31.86
CA TRP A 454 -2.55 -13.31 -32.76
C TRP A 454 -2.93 -14.66 -33.35
N CYS A 455 -2.74 -14.77 -34.68
CA CYS A 455 -2.91 -16.02 -35.40
C CYS A 455 -1.81 -16.10 -36.47
N ASN A 456 -1.00 -17.15 -36.34
CA ASN A 456 0.18 -17.37 -37.16
C ASN A 456 0.22 -18.87 -37.49
N GLU A 457 0.01 -19.20 -38.78
CA GLU A 457 -0.08 -20.57 -39.26
C GLU A 457 1.25 -21.31 -39.02
N GLU A 458 2.37 -20.60 -39.20
CA GLU A 458 3.70 -21.16 -39.00
C GLU A 458 3.87 -21.58 -37.53
N PHE A 459 3.43 -20.70 -36.63
CA PHE A 459 3.43 -20.98 -35.19
C PHE A 459 2.58 -22.22 -34.90
N ASP A 460 1.36 -22.26 -35.42
CA ASP A 460 0.44 -23.34 -35.12
C ASP A 460 0.99 -24.67 -35.68
N GLN A 461 1.75 -24.64 -36.78
CA GLN A 461 2.32 -25.89 -37.35
C GLN A 461 3.40 -26.44 -36.41
N PHE A 462 4.22 -25.56 -35.84
CA PHE A 462 5.24 -25.97 -34.86
C PHE A 462 4.58 -26.66 -33.66
N MET A 463 3.49 -26.07 -33.17
CA MET A 463 2.79 -26.55 -31.98
C MET A 463 2.14 -27.91 -32.26
N ASP A 464 1.56 -28.05 -33.45
CA ASP A 464 0.87 -29.28 -33.83
C ASP A 464 1.91 -30.37 -34.10
N ARG A 465 3.08 -30.00 -34.63
CA ARG A 465 4.17 -30.95 -34.81
C ARG A 465 4.67 -31.45 -33.45
N ALA A 466 4.71 -30.55 -32.47
CA ALA A 466 5.21 -30.85 -31.15
C ALA A 466 4.37 -31.90 -30.40
N ILE A 467 3.14 -32.17 -30.84
CA ILE A 467 2.31 -33.20 -30.16
C ILE A 467 2.11 -34.43 -31.05
N THR A 468 2.85 -34.55 -32.16
CA THR A 468 2.76 -35.74 -33.06
C THR A 468 3.85 -36.77 -32.72
N THR A 469 4.75 -36.44 -31.79
CA THR A 469 5.80 -37.34 -31.29
C THR A 469 5.76 -37.33 -29.76
N SER A 470 6.17 -38.45 -29.15
CA SER A 470 6.26 -38.58 -27.69
C SER A 470 7.71 -38.46 -27.21
N HIS A 471 8.65 -38.29 -28.15
CA HIS A 471 10.08 -38.09 -27.83
C HIS A 471 10.30 -36.66 -27.31
N LEU A 472 10.65 -36.55 -26.02
CA LEU A 472 10.90 -35.26 -25.34
C LEU A 472 11.76 -34.31 -26.19
N SER A 473 12.92 -34.78 -26.66
CA SER A 473 13.87 -33.90 -27.37
C SER A 473 13.26 -33.44 -28.70
N SER A 474 12.51 -34.34 -29.32
CA SER A 474 11.79 -34.05 -30.54
C SER A 474 10.74 -32.96 -30.30
N ARG A 475 9.96 -33.13 -29.22
CA ARG A 475 8.95 -32.15 -28.84
C ARG A 475 9.62 -30.81 -28.51
N ALA A 476 10.71 -30.86 -27.74
CA ALA A 476 11.45 -29.65 -27.32
C ALA A 476 11.93 -28.85 -28.53
N LYS A 477 12.47 -29.54 -29.54
CA LYS A 477 12.95 -28.90 -30.75
C LYS A 477 11.81 -28.09 -31.41
N ALA A 478 10.62 -28.69 -31.49
CA ALA A 478 9.45 -28.06 -32.09
C ALA A 478 9.03 -26.83 -31.27
N TYR A 479 9.02 -26.98 -29.94
CA TYR A 479 8.64 -25.88 -29.03
C TYR A 479 9.69 -24.77 -29.08
N ASN A 480 10.97 -25.10 -29.26
CA ASN A 480 12.01 -24.06 -29.35
C ASN A 480 11.90 -23.32 -30.69
N GLU A 481 11.45 -24.01 -31.75
CA GLU A 481 11.24 -23.37 -33.04
C GLU A 481 10.05 -22.41 -32.93
N ALA A 482 9.00 -22.83 -32.22
CA ALA A 482 7.83 -21.98 -31.96
C ALA A 482 8.23 -20.75 -31.14
N GLN A 483 9.04 -20.97 -30.10
CA GLN A 483 9.48 -19.91 -29.18
C GLN A 483 10.33 -18.89 -29.94
N GLU A 484 11.27 -19.39 -30.74
CA GLU A 484 12.20 -18.58 -31.53
C GLU A 484 11.41 -17.68 -32.50
N LEU A 485 10.36 -18.23 -33.08
CA LEU A 485 9.46 -17.49 -33.97
C LEU A 485 8.75 -16.37 -33.20
N VAL A 486 8.27 -16.68 -31.98
CA VAL A 486 7.58 -15.69 -31.13
C VAL A 486 8.53 -14.52 -30.85
N LEU A 487 9.79 -14.80 -30.51
CA LEU A 487 10.73 -13.73 -30.11
C LEU A 487 11.20 -12.89 -31.31
N ARG A 488 10.98 -13.40 -32.53
CA ARG A 488 11.22 -12.68 -33.78
C ARG A 488 10.01 -11.78 -34.10
N GLU A 489 8.80 -12.35 -34.01
CA GLU A 489 7.54 -11.69 -34.43
C GLU A 489 7.04 -10.71 -33.36
N LEU A 490 7.33 -10.99 -32.09
CA LEU A 490 6.96 -10.16 -30.92
C LEU A 490 5.45 -9.93 -30.84
N PRO A 491 4.60 -10.99 -30.83
CA PRO A 491 3.19 -10.80 -30.51
C PRO A 491 3.02 -10.45 -29.02
N ILE A 492 3.97 -10.92 -28.19
CA ILE A 492 4.11 -10.45 -26.81
C ILE A 492 5.58 -10.06 -26.58
N ILE A 493 5.81 -9.22 -25.56
CA ILE A 493 7.12 -8.97 -25.03
C ILE A 493 7.20 -9.63 -23.66
N PRO A 494 8.08 -10.64 -23.48
CA PRO A 494 8.31 -11.21 -22.15
C PRO A 494 9.07 -10.21 -21.28
N ILE A 495 8.67 -10.08 -20.00
CA ILE A 495 9.27 -9.11 -19.09
C ILE A 495 10.02 -9.86 -17.96
N ALA A 496 9.32 -10.68 -17.18
CA ALA A 496 9.94 -11.29 -15.99
C ALA A 496 9.49 -12.74 -15.77
N ASN A 497 10.47 -13.59 -15.42
CA ASN A 497 10.26 -14.91 -14.81
C ASN A 497 10.32 -14.72 -13.29
N VAL A 498 9.19 -15.01 -12.63
CA VAL A 498 8.93 -14.58 -11.27
C VAL A 498 8.96 -15.80 -10.37
N LYS A 499 9.70 -15.70 -9.24
CA LYS A 499 9.73 -16.79 -8.26
C LYS A 499 8.47 -16.72 -7.38
N ARG A 500 7.97 -17.89 -6.96
CA ARG A 500 6.94 -17.99 -5.95
C ARG A 500 7.59 -18.19 -4.60
N ILE A 501 7.27 -17.32 -3.63
CA ILE A 501 7.85 -17.33 -2.28
C ILE A 501 6.76 -17.52 -1.22
N LEU A 502 7.06 -18.31 -0.18
CA LEU A 502 6.27 -18.27 1.05
C LEU A 502 7.19 -18.22 2.27
N VAL A 503 6.59 -17.82 3.40
CA VAL A 503 7.22 -17.83 4.71
C VAL A 503 6.44 -18.83 5.55
N ALA A 504 7.16 -19.70 6.26
CA ALA A 504 6.59 -20.66 7.16
C ALA A 504 7.19 -20.51 8.56
N ASN A 505 6.33 -20.75 9.55
CA ASN A 505 6.67 -20.79 10.94
C ASN A 505 7.47 -22.07 11.19
N SER A 506 8.53 -21.97 11.99
CA SER A 506 9.54 -23.04 12.18
C SER A 506 8.97 -24.26 12.89
N ARG A 507 7.80 -24.10 13.52
CA ARG A 507 7.04 -25.19 14.12
C ARG A 507 6.44 -26.11 13.05
N VAL A 508 6.44 -25.67 11.78
CA VAL A 508 5.77 -26.38 10.69
C VAL A 508 6.82 -27.07 9.80
N LYS A 509 6.60 -28.36 9.56
CA LYS A 509 7.43 -29.17 8.68
C LYS A 509 6.55 -29.75 7.57
N GLY A 510 7.20 -30.36 6.57
CA GLY A 510 6.54 -30.97 5.43
C GLY A 510 6.07 -29.95 4.41
N VAL A 511 6.71 -28.77 4.44
CA VAL A 511 6.43 -27.71 3.49
C VAL A 511 7.36 -27.92 2.30
N LYS A 512 6.77 -28.23 1.14
CA LYS A 512 7.56 -28.39 -0.08
C LYS A 512 6.94 -27.55 -1.22
N MET A 513 7.61 -26.43 -1.52
CA MET A 513 7.28 -25.59 -2.68
C MET A 513 8.01 -26.16 -3.90
N THR A 514 7.28 -26.36 -5.01
CA THR A 514 7.88 -26.99 -6.20
C THR A 514 7.42 -26.26 -7.47
N PRO A 515 8.23 -26.35 -8.56
CA PRO A 515 7.82 -25.80 -9.85
C PRO A 515 6.53 -26.42 -10.41
N PHE A 516 6.15 -27.60 -9.89
CA PHE A 516 5.28 -28.55 -10.57
C PHE A 516 3.89 -28.60 -9.95
N GLY A 517 3.59 -27.67 -9.03
CA GLY A 517 2.22 -27.52 -8.52
C GLY A 517 2.18 -26.72 -7.23
N SER A 518 0.98 -26.70 -6.64
CA SER A 518 0.72 -25.97 -5.42
C SER A 518 1.31 -26.71 -4.21
N LEU A 519 1.27 -26.02 -3.07
CA LEU A 519 1.63 -26.58 -1.79
C LEU A 519 0.68 -27.73 -1.43
N ASP A 520 1.26 -28.87 -1.07
CA ASP A 520 0.46 -30.00 -0.61
C ASP A 520 0.27 -29.91 0.91
N PHE A 521 -0.95 -29.61 1.34
CA PHE A 521 -1.30 -29.45 2.75
C PHE A 521 -1.22 -30.78 3.52
N SER A 522 -1.40 -31.91 2.82
CA SER A 522 -1.53 -33.22 3.46
C SER A 522 -0.20 -33.68 4.08
N THR A 523 0.93 -33.08 3.68
CA THR A 523 2.24 -33.45 4.22
C THR A 523 2.70 -32.49 5.32
N LEU A 524 1.95 -31.40 5.54
CA LEU A 524 2.29 -30.48 6.63
C LEU A 524 2.05 -31.19 7.96
N TYR A 525 2.92 -30.89 8.93
CA TYR A 525 2.69 -31.28 10.33
C TYR A 525 3.48 -30.35 11.25
N PHE A 526 3.12 -30.37 12.54
CA PHE A 526 3.80 -29.64 13.60
C PHE A 526 4.85 -30.53 14.27
N ILE A 527 6.06 -30.00 14.47
CA ILE A 527 6.99 -30.58 15.46
C ILE A 527 6.71 -29.91 16.82
N ASN B 1 19.62 -2.41 28.79
CA ASN B 1 18.20 -2.24 28.33
C ASN B 1 18.15 -1.06 27.35
N GLY B 2 17.64 -1.36 26.16
CA GLY B 2 17.45 -0.41 25.08
C GLY B 2 16.05 -0.52 24.52
N LEU B 3 15.67 0.47 23.71
CA LEU B 3 14.38 0.46 23.06
C LEU B 3 14.55 1.00 21.65
N THR B 4 13.87 0.38 20.70
CA THR B 4 13.87 0.81 19.32
C THR B 4 12.47 1.36 19.00
N TYR B 5 12.46 2.54 18.39
CA TYR B 5 11.27 3.23 18.00
C TYR B 5 11.30 3.41 16.48
N CYS B 6 10.31 2.79 15.79
CA CYS B 6 10.17 2.82 14.33
C CYS B 6 9.23 3.97 13.91
N THR B 7 9.72 4.83 13.02
CA THR B 7 8.99 5.99 12.52
C THR B 7 9.42 6.26 11.06
N HIS B 8 8.72 7.19 10.42
CA HIS B 8 8.91 7.49 8.98
C HIS B 8 10.16 8.36 8.80
N ALA B 9 10.84 8.19 7.65
CA ALA B 9 12.12 8.84 7.32
C ALA B 9 11.93 10.23 6.70
N SER B 10 10.69 10.60 6.36
CA SER B 10 10.40 11.88 5.66
C SER B 10 11.02 13.07 6.42
N GLY B 11 11.87 13.82 5.71
CA GLY B 11 12.67 14.91 6.28
C GLY B 11 13.69 14.36 7.26
N PHE B 12 14.98 14.45 6.90
CA PHE B 12 16.07 14.09 7.83
C PHE B 12 16.86 15.34 8.22
N SER B 13 16.57 15.87 9.41
CA SER B 13 17.18 17.09 9.91
C SER B 13 17.13 17.10 11.44
N PHE B 14 18.20 17.62 12.04
CA PHE B 14 18.29 17.88 13.47
C PHE B 14 17.94 19.36 13.73
N ASN B 15 17.33 20.01 12.73
CA ASN B 15 17.04 21.44 12.69
C ASN B 15 15.55 21.62 12.37
N PRO B 16 14.71 22.06 13.32
CA PRO B 16 13.27 22.25 13.09
C PRO B 16 12.89 23.47 12.23
N GLN B 17 13.79 24.44 12.06
CA GLN B 17 13.54 25.63 11.20
C GLN B 17 13.31 25.18 9.75
N THR B 18 13.98 24.10 9.33
CA THR B 18 13.93 23.63 7.95
C THR B 18 13.12 22.32 7.84
N ALA B 19 12.85 21.68 8.99
CA ALA B 19 11.93 20.54 9.08
C ALA B 19 10.74 20.96 9.97
N ASP B 20 9.69 21.47 9.33
CA ASP B 20 8.54 22.08 10.00
C ASP B 20 7.71 21.00 10.70
N ALA B 21 6.70 21.43 11.46
CA ALA B 21 5.83 20.50 12.21
C ALA B 21 5.05 19.58 11.26
N GLY B 22 5.06 19.89 9.96
CA GLY B 22 4.22 19.18 8.99
C GLY B 22 4.74 17.80 8.61
N THR B 23 6.02 17.74 8.22
CA THR B 23 6.62 16.52 7.62
C THR B 23 7.09 15.58 8.75
N SER B 24 7.64 16.16 9.80
CA SER B 24 7.93 15.46 11.05
C SER B 24 7.99 16.48 12.19
N MET B 25 7.33 16.18 13.31
CA MET B 25 7.51 16.92 14.56
C MET B 25 8.66 16.24 15.32
N ASN B 26 9.88 16.45 14.82
CA ASN B 26 11.05 15.60 15.08
C ASN B 26 11.04 15.09 16.52
N VAL B 27 10.67 13.80 16.64
CA VAL B 27 10.76 13.05 17.87
C VAL B 27 12.18 13.18 18.43
N VAL B 28 13.17 13.21 17.54
CA VAL B 28 14.57 13.17 17.91
C VAL B 28 15.02 14.49 18.56
N THR B 29 14.72 15.64 17.95
CA THR B 29 15.29 16.92 18.43
C THR B 29 14.63 17.35 19.75
N GLU B 30 13.40 16.89 20.02
CA GLU B 30 12.73 17.19 21.28
C GLU B 30 13.38 16.40 22.43
N GLN B 31 14.20 15.38 22.13
CA GLN B 31 14.88 14.60 23.17
C GLN B 31 16.30 15.11 23.45
N ILE B 32 16.93 15.72 22.44
CA ILE B 32 18.34 16.09 22.58
C ILE B 32 18.47 17.57 22.95
N TYR B 33 17.49 18.39 22.57
CA TYR B 33 17.48 19.81 22.93
C TYR B 33 16.36 20.06 23.94
N ASN B 34 16.56 21.07 24.80
CA ASN B 34 15.46 21.63 25.60
C ASN B 34 15.03 22.97 25.01
N LYS B 35 13.85 23.41 25.43
CA LYS B 35 13.34 24.73 25.16
C LYS B 35 13.29 25.51 26.48
N LEU B 36 12.96 26.79 26.41
CA LEU B 36 12.75 27.61 27.59
C LEU B 36 11.52 27.10 28.37
N PHE B 37 10.51 26.59 27.67
CA PHE B 37 9.30 26.02 28.27
C PHE B 37 8.78 24.83 27.43
N ASP B 38 7.91 24.02 28.06
CA ASP B 38 7.18 22.95 27.42
C ASP B 38 5.67 23.15 27.59
N ILE B 39 4.92 22.55 26.68
CA ILE B 39 3.45 22.58 26.59
C ILE B 39 2.87 21.34 27.30
N LYS B 40 1.76 21.51 28.01
CA LYS B 40 0.99 20.39 28.58
C LYS B 40 -0.32 20.13 27.81
N ASN B 41 -0.82 18.91 27.94
CA ASN B 41 -1.72 18.22 26.97
C ASN B 41 -2.86 19.09 26.44
N HIS B 42 -3.52 19.84 27.34
CA HIS B 42 -4.78 20.57 27.05
C HIS B 42 -4.85 21.84 27.90
N SER B 43 -3.69 22.48 28.08
CA SER B 43 -3.51 23.53 29.08
C SER B 43 -2.73 24.69 28.47
N ALA B 44 -3.02 25.91 28.90
CA ALA B 44 -2.26 27.08 28.52
C ALA B 44 -1.06 27.24 29.45
N THR B 45 -1.02 26.50 30.57
CA THR B 45 0.09 26.56 31.50
C THR B 45 1.35 26.03 30.82
N LEU B 46 2.43 26.81 30.92
CA LEU B 46 3.72 26.42 30.45
C LEU B 46 4.48 25.80 31.62
N THR B 47 5.09 24.64 31.33
CA THR B 47 6.03 23.98 32.20
C THR B 47 7.38 24.67 32.10
N PRO B 48 7.94 25.19 33.21
CA PRO B 48 9.30 25.74 33.21
C PRO B 48 10.30 24.68 32.76
N MET B 49 11.17 25.03 31.81
CA MET B 49 12.27 24.18 31.44
C MET B 49 13.57 24.96 31.62
N LEU B 50 14.20 25.45 30.54
CA LEU B 50 15.46 26.16 30.69
C LEU B 50 15.24 27.52 31.36
N ALA B 51 14.01 28.05 31.28
CA ALA B 51 13.57 29.16 32.12
C ALA B 51 12.81 28.61 33.35
N GLN B 52 13.28 28.96 34.54
CA GLN B 52 12.64 28.66 35.83
C GLN B 52 11.33 29.46 35.98
N SER B 53 11.35 30.72 35.53
CA SER B 53 10.24 31.63 35.72
C SER B 53 10.34 32.79 34.73
N TYR B 54 9.31 33.63 34.72
CA TYR B 54 9.27 34.79 33.87
C TYR B 54 8.33 35.83 34.47
N SER B 55 8.50 37.09 34.07
CA SER B 55 7.56 38.16 34.39
C SER B 55 7.29 38.98 33.13
N ILE B 56 6.12 39.62 33.10
CA ILE B 56 5.70 40.45 31.99
C ILE B 56 5.48 41.85 32.55
N SER B 57 5.95 42.86 31.81
CA SER B 57 5.75 44.25 32.18
C SER B 57 4.25 44.59 32.11
N ALA B 58 3.85 45.66 32.78
CA ALA B 58 2.44 46.07 32.87
C ALA B 58 1.92 46.51 31.49
N ASP B 59 2.81 47.05 30.65
CA ASP B 59 2.45 47.44 29.27
C ASP B 59 2.59 46.26 28.31
N GLY B 60 3.08 45.12 28.82
CA GLY B 60 3.04 43.82 28.12
C GLY B 60 4.02 43.73 26.96
N LYS B 61 5.01 44.63 26.92
CA LYS B 61 5.92 44.73 25.78
C LYS B 61 7.31 44.21 26.15
N GLU B 62 7.48 43.74 27.38
CA GLU B 62 8.77 43.31 27.88
C GLU B 62 8.56 42.02 28.70
N ILE B 63 9.32 40.98 28.37
CA ILE B 63 9.30 39.71 29.06
C ILE B 63 10.70 39.44 29.63
N LEU B 64 10.74 39.06 30.90
CA LEU B 64 11.94 38.66 31.58
C LEU B 64 11.91 37.16 31.81
N LEU B 65 12.98 36.48 31.37
CA LEU B 65 13.19 35.07 31.55
C LEU B 65 14.27 34.88 32.60
N ASN B 66 13.94 34.15 33.68
CA ASN B 66 14.90 33.79 34.69
C ASN B 66 15.35 32.36 34.44
N LEU B 67 16.61 32.19 34.06
CA LEU B 67 17.13 30.94 33.57
C LEU B 67 17.58 30.06 34.74
N ARG B 68 17.40 28.75 34.55
CA ARG B 68 17.81 27.75 35.48
C ARG B 68 19.34 27.73 35.56
N HIS B 69 19.87 27.61 36.79
CA HIS B 69 21.29 27.46 37.06
C HIS B 69 21.67 25.99 36.93
N GLY B 70 22.95 25.72 36.63
CA GLY B 70 23.56 24.40 36.82
C GLY B 70 23.36 23.45 35.65
N VAL B 71 22.78 23.94 34.54
CA VAL B 71 22.41 23.11 33.41
C VAL B 71 23.64 22.90 32.51
N LYS B 72 23.87 21.64 32.10
CA LYS B 72 25.05 21.26 31.31
C LYS B 72 24.67 20.95 29.87
N PHE B 73 25.56 21.31 28.95
CA PHE B 73 25.52 20.87 27.57
C PHE B 73 26.18 19.50 27.46
N HIS B 74 25.79 18.74 26.42
CA HIS B 74 26.32 17.40 26.18
C HIS B 74 27.84 17.45 25.94
N GLN B 75 28.55 16.53 26.59
CA GLN B 75 29.92 16.22 26.23
C GLN B 75 29.89 15.13 25.16
N THR B 76 30.29 15.50 23.95
CA THR B 76 30.26 14.58 22.83
C THR B 76 31.69 14.41 22.31
N PRO B 77 31.94 13.43 21.43
CA PRO B 77 33.25 13.33 20.79
C PRO B 77 33.61 14.54 19.91
N TRP B 78 32.61 15.33 19.50
CA TRP B 78 32.83 16.50 18.63
C TRP B 78 32.89 17.80 19.44
N PHE B 79 32.61 17.77 20.75
CA PHE B 79 32.58 19.01 21.51
C PHE B 79 32.64 18.74 23.01
N THR B 80 33.52 19.49 23.69
CA THR B 80 33.63 19.52 25.14
C THR B 80 33.27 20.91 25.63
N PRO B 81 32.10 21.08 26.31
CA PRO B 81 31.70 22.39 26.82
C PRO B 81 32.61 22.75 28.00
N THR B 82 32.85 24.05 28.20
CA THR B 82 33.67 24.53 29.33
C THR B 82 32.87 25.45 30.27
N ARG B 83 31.61 25.74 29.92
CA ARG B 83 30.70 26.47 30.80
C ARG B 83 29.28 25.88 30.70
N ASP B 84 28.50 26.12 31.76
CA ASP B 84 27.08 25.81 31.87
C ASP B 84 26.27 26.71 30.92
N PHE B 85 25.08 26.23 30.59
CA PHE B 85 24.10 27.00 29.85
C PHE B 85 23.87 28.34 30.57
N ASN B 86 23.66 29.39 29.79
CA ASN B 86 23.37 30.72 30.32
C ASN B 86 22.70 31.56 29.23
N ALA B 87 22.50 32.85 29.54
CA ALA B 87 21.77 33.79 28.71
C ALA B 87 22.37 33.89 27.29
N GLU B 88 23.69 33.77 27.16
CA GLU B 88 24.38 33.86 25.86
C GLU B 88 23.78 32.82 24.88
N ASP B 89 23.46 31.63 25.41
CA ASP B 89 22.89 30.55 24.63
C ASP B 89 21.47 30.93 24.14
N VAL B 90 20.67 31.52 25.03
CA VAL B 90 19.32 31.92 24.71
C VAL B 90 19.35 33.02 23.64
N VAL B 91 20.26 33.98 23.80
CA VAL B 91 20.34 35.10 22.89
C VAL B 91 20.74 34.57 21.49
N PHE B 92 21.77 33.72 21.46
CA PHE B 92 22.22 33.15 20.22
C PHE B 92 21.06 32.41 19.52
N SER B 93 20.32 31.62 20.30
CA SER B 93 19.32 30.69 19.79
C SER B 93 18.10 31.42 19.26
N ILE B 94 17.57 32.37 20.03
CA ILE B 94 16.37 33.09 19.63
C ILE B 94 16.72 34.08 18.51
N ASN B 95 17.93 34.67 18.56
CA ASN B 95 18.40 35.55 17.47
C ASN B 95 18.50 34.77 16.15
N ARG B 96 18.87 33.49 16.23
CA ARG B 96 19.04 32.64 15.06
C ARG B 96 17.70 32.50 14.33
N VAL B 97 16.60 32.26 15.06
CA VAL B 97 15.28 32.07 14.45
C VAL B 97 14.71 33.41 13.96
N LEU B 98 15.05 34.52 14.64
CA LEU B 98 14.62 35.86 14.21
C LEU B 98 15.36 36.25 12.91
N GLY B 99 16.48 35.57 12.65
CA GLY B 99 17.37 35.85 11.54
C GLY B 99 18.31 37.01 11.84
N HIS B 100 18.44 37.40 13.12
CA HIS B 100 19.34 38.50 13.55
C HIS B 100 20.78 37.98 13.74
N ASN B 101 21.10 36.82 13.14
CA ASN B 101 22.46 36.24 13.10
C ASN B 101 23.51 37.35 12.94
N PHE B 131 5.20 23.30 4.35
CA PHE B 131 6.18 24.34 4.08
C PHE B 131 5.72 25.69 4.64
N PRO B 132 4.44 26.10 4.48
CA PRO B 132 4.03 27.45 4.88
C PRO B 132 3.90 27.75 6.39
N TYR B 133 3.82 26.69 7.20
N TYR B 133 3.80 26.69 7.21
CA TYR B 133 3.61 26.80 8.66
CA TYR B 133 3.58 26.90 8.67
C TYR B 133 4.71 27.60 9.37
C TYR B 133 4.72 27.65 9.36
N PHE B 134 5.98 27.23 9.20
CA PHE B 134 7.06 27.90 9.94
C PHE B 134 7.20 29.37 9.49
N ASP B 135 7.09 29.63 8.19
CA ASP B 135 7.18 30.98 7.67
C ASP B 135 5.98 31.84 8.10
N SER B 136 4.86 31.20 8.48
CA SER B 136 3.64 31.94 8.86
C SER B 136 3.79 32.64 10.22
N ILE B 137 4.67 32.16 11.10
CA ILE B 137 4.70 32.66 12.48
C ILE B 137 5.28 34.08 12.50
N LYS B 138 6.24 34.37 11.61
CA LYS B 138 6.80 35.72 11.40
C LYS B 138 7.28 36.31 12.75
N LEU B 139 8.10 35.54 13.45
CA LEU B 139 8.45 35.87 14.81
C LEU B 139 9.25 37.17 14.86
N ASN B 140 9.91 37.55 13.75
CA ASN B 140 10.76 38.74 13.73
C ASN B 140 9.93 40.01 13.51
N GLU B 141 8.64 39.86 13.22
CA GLU B 141 7.71 41.00 13.21
C GLU B 141 7.04 41.17 14.58
N LYS B 142 7.33 40.26 15.52
CA LYS B 142 6.71 40.28 16.86
C LYS B 142 7.75 40.67 17.92
N ILE B 143 8.96 40.10 17.83
CA ILE B 143 10.04 40.36 18.79
C ILE B 143 10.98 41.42 18.19
N LYS B 144 11.24 42.46 18.99
CA LYS B 144 12.10 43.56 18.62
C LYS B 144 13.55 43.20 18.97
N SER B 145 13.79 42.69 20.18
CA SER B 145 15.15 42.35 20.60
C SER B 145 15.16 41.31 21.71
N VAL B 146 16.35 40.74 21.90
CA VAL B 146 16.66 39.75 22.90
C VAL B 146 18.08 40.05 23.42
N THR B 147 18.20 40.46 24.68
CA THR B 147 19.52 40.76 25.26
C THR B 147 19.65 40.05 26.60
N ALA B 148 20.89 39.81 27.02
CA ALA B 148 21.19 39.31 28.35
C ALA B 148 21.35 40.50 29.29
N LEU B 149 20.49 40.60 30.30
CA LEU B 149 20.74 41.51 31.43
C LEU B 149 21.91 40.97 32.27
N SER B 150 21.91 39.67 32.51
CA SER B 150 22.92 39.01 33.32
C SER B 150 23.06 37.56 32.84
N PRO B 151 24.04 36.78 33.35
CA PRO B 151 24.21 35.41 32.89
C PRO B 151 22.94 34.54 32.99
N TYR B 152 22.02 34.89 33.90
CA TYR B 152 20.86 34.04 34.19
C TYR B 152 19.54 34.81 34.06
N GLN B 153 19.54 35.93 33.32
CA GLN B 153 18.30 36.67 33.03
C GLN B 153 18.34 37.31 31.64
N VAL B 154 17.34 36.98 30.81
CA VAL B 154 17.19 37.48 29.43
C VAL B 154 15.96 38.39 29.35
N LYS B 155 16.08 39.45 28.55
CA LYS B 155 15.00 40.37 28.28
C LYS B 155 14.57 40.25 26.81
N ILE B 156 13.29 39.98 26.60
CA ILE B 156 12.66 40.07 25.31
C ILE B 156 11.79 41.32 25.28
N GLU B 157 12.00 42.20 24.30
CA GLU B 157 11.09 43.30 24.04
C GLU B 157 10.35 43.04 22.71
N LEU B 158 9.08 43.43 22.68
CA LEU B 158 8.17 43.22 21.59
C LEU B 158 7.87 44.58 20.93
N PHE B 159 7.38 44.53 19.69
CA PHE B 159 6.90 45.72 18.98
C PHE B 159 5.58 46.19 19.60
N ALA B 160 4.68 45.22 19.86
CA ALA B 160 3.41 45.46 20.55
C ALA B 160 3.09 44.31 21.50
N PRO B 161 2.15 44.46 22.46
CA PRO B 161 1.75 43.34 23.31
C PRO B 161 1.29 42.15 22.44
N ASP B 162 1.74 40.95 22.79
CA ASP B 162 1.37 39.73 22.06
C ASP B 162 1.46 38.54 23.02
N SER B 163 0.31 38.04 23.45
CA SER B 163 0.26 37.04 24.49
C SER B 163 0.51 35.63 23.92
N SER B 164 0.91 35.52 22.65
CA SER B 164 1.20 34.23 22.03
C SER B 164 2.71 33.93 22.02
N ILE B 165 3.53 34.91 22.39
CA ILE B 165 4.99 34.79 22.32
C ILE B 165 5.47 33.60 23.15
N LEU B 166 5.01 33.47 24.39
CA LEU B 166 5.50 32.40 25.25
C LEU B 166 5.16 31.02 24.66
N SER B 167 4.07 30.92 23.91
CA SER B 167 3.70 29.68 23.23
C SER B 167 4.76 29.30 22.19
N HIS B 168 5.23 30.30 21.44
CA HIS B 168 6.25 30.09 20.41
C HIS B 168 7.57 29.64 21.04
N LEU B 169 7.89 30.18 22.21
CA LEU B 169 9.11 29.79 22.92
C LEU B 169 8.97 28.39 23.53
N ALA B 170 7.74 27.83 23.51
CA ALA B 170 7.49 26.46 23.96
C ALA B 170 7.30 25.49 22.77
N SER B 171 7.55 25.96 21.56
CA SER B 171 7.35 25.05 20.42
C SER B 171 8.69 24.46 19.97
N GLN B 172 8.64 23.47 19.08
CA GLN B 172 9.84 22.77 18.61
C GLN B 172 10.85 23.72 17.94
N TYR B 173 10.41 24.90 17.50
CA TYR B 173 11.27 25.81 16.74
C TYR B 173 12.27 26.56 17.64
N ALA B 174 11.93 26.66 18.93
CA ALA B 174 12.64 27.48 19.89
C ALA B 174 13.58 26.62 20.73
N ILE B 175 14.32 25.72 20.09
CA ILE B 175 15.29 24.90 20.78
C ILE B 175 16.54 25.73 21.06
N ILE B 176 17.19 25.44 22.19
CA ILE B 176 18.36 26.17 22.66
C ILE B 176 19.64 25.43 22.26
N PHE B 177 20.46 26.09 21.45
CA PHE B 177 21.76 25.63 21.00
C PHE B 177 22.84 26.09 21.97
N SER B 178 24.05 25.56 21.81
CA SER B 178 25.23 26.02 22.54
C SER B 178 25.93 27.13 21.75
N GLN B 179 25.97 28.33 22.34
CA GLN B 179 26.69 29.47 21.76
C GLN B 179 28.19 29.17 21.72
N GLU B 180 28.72 28.50 22.75
CA GLU B 180 30.16 28.15 22.79
C GLU B 180 30.52 27.25 21.60
N TYR B 181 29.68 26.24 21.30
CA TYR B 181 29.86 25.33 20.17
C TYR B 181 29.78 26.12 18.87
N ALA B 182 28.74 26.96 18.74
CA ALA B 182 28.53 27.78 17.55
C ALA B 182 29.77 28.65 17.29
N TYR B 183 30.40 29.11 18.37
CA TYR B 183 31.57 30.02 18.34
C TYR B 183 32.79 29.29 17.75
N GLN B 184 33.11 28.11 18.31
CA GLN B 184 34.19 27.26 17.83
C GLN B 184 34.03 26.98 16.33
N LEU B 185 32.84 26.55 15.93
CA LEU B 185 32.58 26.13 14.55
C LEU B 185 32.82 27.30 13.60
N SER B 186 32.34 28.49 13.97
CA SER B 186 32.48 29.70 13.17
C SER B 186 33.97 30.07 12.94
N ALA B 187 34.79 29.88 13.98
CA ALA B 187 36.24 30.15 13.93
C ALA B 187 36.94 29.35 12.82
N ASP B 188 36.38 28.16 12.47
CA ASP B 188 36.91 27.27 11.44
C ASP B 188 35.94 27.15 10.25
N ASP B 189 35.10 28.18 10.03
CA ASP B 189 34.09 28.20 8.96
C ASP B 189 33.53 26.79 8.81
N ASN B 190 32.95 26.28 9.90
CA ASN B 190 32.38 24.93 9.96
C ASN B 190 31.02 24.98 10.69
N LEU B 191 30.18 25.96 10.35
CA LEU B 191 28.97 26.27 11.10
C LEU B 191 27.80 25.41 10.64
N ALA B 192 27.98 24.68 9.55
CA ALA B 192 26.99 23.69 9.07
C ALA B 192 26.84 22.53 10.06
N GLN B 193 27.94 22.24 10.79
CA GLN B 193 28.05 21.09 11.67
C GLN B 193 27.18 21.27 12.93
N LEU B 194 26.68 22.49 13.15
CA LEU B 194 25.77 22.81 14.27
C LEU B 194 24.51 21.95 14.17
N ASP B 195 24.04 21.75 12.94
CA ASP B 195 22.83 21.00 12.62
C ASP B 195 23.15 19.54 12.24
N THR B 196 24.42 19.20 12.00
CA THR B 196 24.76 17.83 11.61
C THR B 196 25.22 17.02 12.83
N HIS B 197 25.85 17.68 13.81
CA HIS B 197 26.40 17.01 14.99
C HIS B 197 25.95 17.76 16.24
N PRO B 198 24.71 17.48 16.70
CA PRO B 198 24.05 18.32 17.70
C PRO B 198 24.69 18.29 19.08
N VAL B 199 24.59 19.43 19.78
CA VAL B 199 24.95 19.59 21.19
C VAL B 199 23.76 20.27 21.88
N GLY B 200 23.18 19.57 22.86
CA GLY B 200 21.97 20.02 23.53
C GLY B 200 22.09 19.91 25.05
N THR B 201 21.00 20.26 25.73
CA THR B 201 20.89 20.14 27.18
C THR B 201 19.88 19.04 27.57
N GLY B 202 19.35 18.37 26.54
CA GLY B 202 18.19 17.50 26.68
C GLY B 202 18.56 16.15 27.32
N PRO B 203 17.55 15.33 27.67
CA PRO B 203 17.81 14.09 28.42
C PRO B 203 18.51 12.96 27.63
N TYR B 204 18.66 13.13 26.32
CA TYR B 204 19.41 12.22 25.46
C TYR B 204 20.43 13.02 24.63
N GLN B 205 21.54 12.37 24.27
CA GLN B 205 22.47 12.94 23.31
C GLN B 205 22.69 11.94 22.16
N VAL B 206 23.18 12.47 21.04
CA VAL B 206 23.41 11.71 19.84
C VAL B 206 24.74 10.96 20.00
N LYS B 207 24.69 9.63 19.86
CA LYS B 207 25.89 8.80 19.77
C LYS B 207 26.35 8.75 18.31
N ASP B 208 25.46 8.31 17.41
CA ASP B 208 25.73 8.37 15.98
C ASP B 208 24.42 8.22 15.20
N TYR B 209 24.53 8.36 13.88
CA TYR B 209 23.42 8.14 12.99
C TYR B 209 23.92 7.83 11.57
N VAL B 210 23.00 7.38 10.75
CA VAL B 210 23.20 7.13 9.36
C VAL B 210 22.00 7.72 8.63
N TYR B 211 22.27 8.63 7.69
CA TYR B 211 21.24 9.33 6.95
C TYR B 211 20.17 8.33 6.48
N ASN B 212 18.92 8.58 6.87
CA ASN B 212 17.73 7.82 6.45
C ASN B 212 17.79 6.33 6.85
N GLN B 213 18.52 6.02 7.92
CA GLN B 213 18.55 4.66 8.43
C GLN B 213 18.19 4.68 9.94
N TYR B 214 18.99 5.36 10.76
CA TYR B 214 18.77 5.33 12.18
C TYR B 214 19.50 6.50 12.87
N VAL B 215 19.02 6.86 14.06
CA VAL B 215 19.61 7.94 14.87
C VAL B 215 19.85 7.42 16.29
N ARG B 216 21.02 6.84 16.53
CA ARG B 216 21.39 6.30 17.87
C ARG B 216 21.33 7.42 18.92
N LEU B 217 20.75 7.12 20.09
CA LEU B 217 20.62 8.11 21.19
C LEU B 217 21.10 7.47 22.49
N VAL B 218 21.80 8.25 23.33
CA VAL B 218 22.32 7.74 24.63
C VAL B 218 21.90 8.70 25.74
N ARG B 219 21.53 8.15 26.90
CA ARG B 219 21.12 8.95 28.05
C ARG B 219 22.19 10.00 28.41
N ASN B 220 21.75 11.25 28.64
CA ASN B 220 22.56 12.33 29.21
C ASN B 220 22.63 12.08 30.72
N GLU B 221 23.83 11.71 31.18
CA GLU B 221 24.07 11.33 32.57
C GLU B 221 24.10 12.57 33.47
N ASN B 222 24.27 13.77 32.89
CA ASN B 222 24.29 15.04 33.64
C ASN B 222 23.07 15.91 33.30
N TYR B 223 21.88 15.33 33.33
CA TYR B 223 20.65 16.07 33.07
C TYR B 223 20.28 16.88 34.32
N TRP B 224 19.43 17.91 34.16
CA TRP B 224 19.13 18.87 35.21
C TRP B 224 17.84 18.49 35.95
N LYS B 225 17.26 17.34 35.63
CA LYS B 225 15.95 16.93 36.10
C LYS B 225 15.98 15.39 36.12
N LYS B 226 14.89 14.72 36.52
CA LYS B 226 14.94 13.24 36.55
C LYS B 226 15.53 12.71 35.24
N GLU B 227 16.54 11.83 35.37
CA GLU B 227 17.20 11.14 34.27
C GLU B 227 16.21 10.26 33.49
N ALA B 228 16.52 10.06 32.22
CA ALA B 228 15.86 9.08 31.39
C ALA B 228 16.07 7.69 32.01
N LYS B 229 15.00 6.87 31.99
CA LYS B 229 15.05 5.56 32.59
C LYS B 229 15.77 4.56 31.67
N ILE B 230 15.55 4.67 30.35
CA ILE B 230 16.20 3.79 29.37
C ILE B 230 17.45 4.48 28.83
N GLU B 231 18.59 3.78 28.86
CA GLU B 231 19.92 4.34 28.58
C GLU B 231 20.15 4.47 27.07
N HIS B 232 19.67 3.48 26.29
CA HIS B 232 19.87 3.42 24.84
C HIS B 232 18.54 3.44 24.10
N ILE B 233 18.47 4.25 23.05
CA ILE B 233 17.33 4.37 22.20
C ILE B 233 17.83 4.42 20.76
N ILE B 234 17.33 3.50 19.93
CA ILE B 234 17.53 3.58 18.49
C ILE B 234 16.22 4.11 17.89
N VAL B 235 16.31 5.14 17.07
CA VAL B 235 15.21 5.57 16.24
C VAL B 235 15.43 4.98 14.82
N ASP B 236 14.59 4.02 14.46
CA ASP B 236 14.63 3.35 13.16
C ASP B 236 13.78 4.17 12.18
N LEU B 237 14.37 4.61 11.08
CA LEU B 237 13.68 5.41 10.06
C LEU B 237 13.60 4.62 8.74
N SER B 238 14.10 3.39 8.72
CA SER B 238 14.52 2.72 7.50
C SER B 238 13.36 2.06 6.72
N THR B 239 12.10 2.17 7.16
CA THR B 239 11.00 1.40 6.54
C THR B 239 9.80 2.30 6.17
N ASP B 240 9.01 1.83 5.18
CA ASP B 240 7.69 2.40 4.80
C ASP B 240 6.62 1.93 5.78
N ARG B 241 5.41 2.50 5.67
CA ARG B 241 4.27 2.26 6.61
C ARG B 241 3.99 0.76 6.78
N SER B 242 3.98 0.02 5.67
CA SER B 242 3.62 -1.39 5.66
C SER B 242 4.54 -2.20 6.58
N GLY B 243 5.84 -1.92 6.48
CA GLY B 243 6.89 -2.71 7.10
C GLY B 243 7.17 -2.33 8.55
N ARG B 244 6.55 -1.24 9.03
CA ARG B 244 6.76 -0.80 10.39
C ARG B 244 6.07 -1.77 11.37
N LEU B 245 4.87 -2.24 11.00
CA LEU B 245 4.16 -3.22 11.80
C LEU B 245 4.83 -4.58 11.69
N VAL B 246 5.47 -4.87 10.55
CA VAL B 246 6.21 -6.12 10.37
C VAL B 246 7.37 -6.14 11.38
N LYS B 247 8.11 -5.03 11.45
CA LYS B 247 9.23 -4.93 12.38
C LYS B 247 8.70 -5.00 13.81
N PHE B 248 7.54 -4.37 14.06
CA PHE B 248 6.95 -4.34 15.38
C PHE B 248 6.62 -5.76 15.85
N PHE B 249 5.85 -6.52 15.06
CA PHE B 249 5.38 -7.84 15.50
C PHE B 249 6.50 -8.89 15.43
N ASN B 250 7.63 -8.55 14.80
CA ASN B 250 8.83 -9.39 14.79
C ASN B 250 9.83 -8.88 15.83
N ASN B 251 9.36 -7.98 16.72
CA ASN B 251 10.08 -7.50 17.91
C ASN B 251 11.40 -6.82 17.56
N GLU B 252 11.49 -6.23 16.38
CA GLU B 252 12.68 -5.46 15.99
C GLU B 252 12.53 -4.02 16.50
N CYS B 253 11.31 -3.64 16.91
CA CYS B 253 11.05 -2.39 17.60
C CYS B 253 9.88 -2.58 18.59
N GLN B 254 9.94 -1.82 19.69
CA GLN B 254 9.01 -1.96 20.84
C GLN B 254 7.92 -0.88 20.80
N ILE B 255 8.12 0.18 19.99
CA ILE B 255 7.11 1.20 19.69
C ILE B 255 7.16 1.49 18.19
N ALA B 256 5.99 1.70 17.58
CA ALA B 256 5.85 2.00 16.16
C ALA B 256 4.84 3.13 15.93
N SER B 257 5.27 4.14 15.16
CA SER B 257 4.43 5.25 14.71
C SER B 257 3.84 4.96 13.33
N TYR B 258 2.71 5.63 13.05
CA TYR B 258 2.10 5.77 11.71
C TYR B 258 1.88 4.40 11.08
N PRO B 259 1.10 3.51 11.73
CA PRO B 259 0.66 2.27 11.09
C PRO B 259 -0.05 2.49 9.74
N GLU B 260 0.01 1.50 8.85
CA GLU B 260 -0.85 1.50 7.64
C GLU B 260 -2.30 1.76 8.08
N VAL B 261 -3.10 2.37 7.20
CA VAL B 261 -4.43 2.89 7.57
C VAL B 261 -5.44 1.74 7.55
N SER B 262 -5.51 1.03 6.41
CA SER B 262 -6.40 -0.13 6.26
C SER B 262 -5.98 -1.25 7.22
N GLN B 263 -4.71 -1.25 7.62
CA GLN B 263 -4.11 -2.26 8.45
C GLN B 263 -4.39 -2.01 9.94
N ILE B 264 -5.11 -0.93 10.29
CA ILE B 264 -5.64 -0.79 11.66
C ILE B 264 -6.70 -1.88 11.88
N GLY B 265 -7.37 -2.29 10.79
CA GLY B 265 -8.30 -3.42 10.76
C GLY B 265 -7.67 -4.74 11.17
N LEU B 266 -6.35 -4.87 11.04
CA LEU B 266 -5.64 -6.11 11.43
C LEU B 266 -5.18 -6.04 12.90
N LEU B 267 -5.26 -4.83 13.49
CA LEU B 267 -5.01 -4.60 14.92
C LEU B 267 -6.32 -4.69 15.71
N LYS B 268 -6.21 -5.17 16.97
CA LYS B 268 -7.33 -5.27 17.94
C LYS B 268 -6.96 -4.43 19.16
N ASN B 269 -7.96 -4.17 20.02
CA ASN B 269 -7.77 -3.37 21.26
C ASN B 269 -7.67 -4.28 22.49
N ASP B 270 -7.90 -5.58 22.30
CA ASP B 270 -8.03 -6.55 23.41
C ASP B 270 -6.68 -7.17 23.79
N ASP B 271 -5.63 -6.90 23.01
CA ASP B 271 -4.46 -7.79 22.96
C ASP B 271 -3.62 -7.63 24.23
N LYS B 272 -3.15 -8.75 24.76
CA LYS B 272 -2.33 -8.78 25.93
C LYS B 272 -0.89 -8.33 25.59
N HIS B 273 -0.51 -8.43 24.32
CA HIS B 273 0.90 -8.28 23.91
C HIS B 273 1.23 -6.87 23.38
N TYR B 274 0.22 -6.09 23.00
CA TYR B 274 0.47 -4.70 22.63
C TYR B 274 -0.80 -3.87 22.88
N TYR B 275 -0.62 -2.54 22.92
CA TYR B 275 -1.72 -1.59 23.01
C TYR B 275 -1.46 -0.43 22.08
N MET B 276 -2.53 0.24 21.71
CA MET B 276 -2.51 1.42 20.90
C MET B 276 -2.87 2.60 21.80
N GLN B 277 -2.27 3.74 21.47
CA GLN B 277 -2.48 4.95 22.19
C GLN B 277 -2.64 6.07 21.17
N SER B 278 -3.50 7.03 21.49
CA SER B 278 -3.81 8.06 20.58
C SER B 278 -3.97 9.38 21.34
N THR B 279 -3.63 10.47 20.68
CA THR B 279 -3.88 11.80 21.16
C THR B 279 -4.53 12.60 20.04
N ASP B 280 -5.44 13.51 20.39
CA ASP B 280 -6.03 14.42 19.42
C ASP B 280 -4.92 15.34 18.90
N GLY B 281 -4.92 15.63 17.60
CA GLY B 281 -3.85 16.43 17.00
C GLY B 281 -4.26 17.88 16.82
N MET B 282 -3.26 18.75 16.75
CA MET B 282 -3.48 20.17 16.46
C MET B 282 -3.40 20.38 14.94
N ASN B 283 -4.46 19.95 14.26
CA ASN B 283 -4.52 19.90 12.81
C ASN B 283 -5.99 19.94 12.39
N LEU B 284 -6.21 20.44 11.18
CA LEU B 284 -7.52 20.50 10.57
C LEU B 284 -7.36 20.33 9.05
N ALA B 285 -8.16 19.42 8.48
CA ALA B 285 -8.39 19.33 7.05
C ALA B 285 -9.69 20.07 6.75
N TYR B 286 -9.67 20.89 5.69
CA TYR B 286 -10.81 21.72 5.40
C TYR B 286 -10.89 22.02 3.90
N LEU B 287 -12.06 22.53 3.55
CA LEU B 287 -12.42 22.99 2.23
C LEU B 287 -12.61 24.51 2.28
N ALA B 288 -11.91 25.24 1.41
CA ALA B 288 -12.00 26.69 1.36
C ALA B 288 -12.77 27.13 0.11
N PHE B 289 -13.62 28.15 0.28
CA PHE B 289 -14.30 28.81 -0.84
C PHE B 289 -13.46 30.02 -1.27
N ASN B 290 -13.34 30.25 -2.58
CA ASN B 290 -12.65 31.43 -3.10
C ASN B 290 -13.63 32.61 -3.17
N PHE B 291 -13.48 33.58 -2.26
CA PHE B 291 -14.41 34.71 -2.16
C PHE B 291 -14.15 35.74 -3.27
N ASP B 292 -13.05 35.55 -4.03
CA ASP B 292 -12.81 36.34 -5.26
C ASP B 292 -13.89 36.02 -6.30
N LYS B 293 -14.48 34.80 -6.23
CA LYS B 293 -15.51 34.34 -7.18
C LYS B 293 -16.90 34.81 -6.75
N PRO B 294 -17.63 35.59 -7.59
CA PRO B 294 -18.90 36.18 -7.18
C PRO B 294 -19.94 35.17 -6.65
N LEU B 295 -19.95 33.96 -7.21
CA LEU B 295 -20.92 32.90 -6.85
C LEU B 295 -20.66 32.40 -5.42
N MET B 296 -19.38 32.32 -5.04
CA MET B 296 -18.99 31.76 -3.73
C MET B 296 -19.19 32.79 -2.61
N ARG B 297 -19.51 34.04 -2.98
CA ARG B 297 -19.83 35.09 -1.99
C ARG B 297 -21.25 34.90 -1.46
N ASP B 298 -22.06 34.11 -2.16
CA ASP B 298 -23.45 33.84 -1.79
C ASP B 298 -23.45 32.84 -0.63
N HIS B 299 -23.93 33.29 0.54
CA HIS B 299 -23.94 32.47 1.75
C HIS B 299 -24.85 31.24 1.57
N GLU B 300 -25.95 31.43 0.84
CA GLU B 300 -26.90 30.35 0.63
C GLU B 300 -26.23 29.22 -0.15
N ILE B 301 -25.32 29.58 -1.07
CA ILE B 301 -24.60 28.60 -1.90
C ILE B 301 -23.60 27.82 -1.03
N ARG B 302 -22.81 28.54 -0.22
CA ARG B 302 -21.78 27.91 0.63
C ARG B 302 -22.43 26.95 1.63
N ALA B 303 -23.54 27.39 2.26
CA ALA B 303 -24.29 26.57 3.23
C ALA B 303 -24.83 25.30 2.55
N ALA B 304 -25.44 25.44 1.37
CA ALA B 304 -25.97 24.30 0.63
C ALA B 304 -24.83 23.34 0.23
N ILE B 305 -23.68 23.89 -0.16
CA ILE B 305 -22.54 23.06 -0.53
C ILE B 305 -22.03 22.31 0.70
N SER B 306 -22.02 22.98 1.85
CA SER B 306 -21.65 22.34 3.11
C SER B 306 -22.58 21.16 3.39
N GLN B 307 -23.87 21.38 3.15
CA GLN B 307 -24.94 20.44 3.48
C GLN B 307 -24.99 19.28 2.49
N SER B 308 -24.36 19.43 1.32
CA SER B 308 -24.29 18.37 0.31
C SER B 308 -23.30 17.28 0.72
N LEU B 309 -22.32 17.67 1.53
CA LEU B 309 -21.20 16.79 1.89
C LEU B 309 -21.54 15.85 3.03
N ASN B 310 -21.39 14.55 2.80
CA ASN B 310 -21.60 13.56 3.86
C ASN B 310 -20.24 13.42 4.55
N ARG B 311 -20.01 14.26 5.56
CA ARG B 311 -18.71 14.34 6.26
C ARG B 311 -18.44 13.05 7.04
N ALA B 312 -19.50 12.42 7.55
CA ALA B 312 -19.38 11.18 8.34
C ALA B 312 -18.84 10.06 7.44
N ARG B 313 -19.36 10.00 6.22
CA ARG B 313 -18.94 8.99 5.24
C ARG B 313 -17.47 9.23 4.90
N ILE B 314 -17.08 10.49 4.67
CA ILE B 314 -15.67 10.86 4.36
C ILE B 314 -14.74 10.42 5.50
N ILE B 315 -15.08 10.75 6.75
CA ILE B 315 -14.17 10.36 7.85
C ILE B 315 -14.02 8.85 7.92
N HIS B 316 -15.14 8.11 7.92
CA HIS B 316 -15.12 6.65 7.99
C HIS B 316 -14.25 6.06 6.88
N SER B 317 -14.35 6.62 5.67
CA SER B 317 -13.83 6.00 4.46
C SER B 317 -12.38 6.39 4.18
N ILE B 318 -11.93 7.54 4.67
CA ILE B 318 -10.57 8.07 4.39
C ILE B 318 -9.65 7.83 5.59
N TYR B 319 -10.18 8.05 6.80
CA TYR B 319 -9.39 8.07 8.01
C TYR B 319 -9.66 6.81 8.86
N HIS B 320 -10.68 6.04 8.48
CA HIS B 320 -11.15 4.86 9.23
C HIS B 320 -11.58 5.30 10.63
N ASN B 321 -10.65 5.28 11.60
CA ASN B 321 -10.97 5.67 12.98
C ASN B 321 -9.85 6.55 13.55
N THR B 322 -8.95 7.01 12.67
CA THR B 322 -7.77 7.77 13.06
C THR B 322 -8.09 9.26 13.07
N ALA B 323 -9.35 9.63 12.81
CA ALA B 323 -9.80 11.01 12.82
C ALA B 323 -11.24 11.12 13.38
N THR B 324 -11.60 12.34 13.78
CA THR B 324 -12.97 12.70 14.11
C THR B 324 -13.39 13.89 13.25
N VAL B 325 -14.68 13.93 12.93
CA VAL B 325 -15.31 15.01 12.15
C VAL B 325 -15.08 16.32 12.89
N ALA B 326 -14.66 17.36 12.18
CA ALA B 326 -14.41 18.66 12.82
C ALA B 326 -15.64 19.56 12.61
N ASN B 327 -16.27 19.97 13.72
CA ASN B 327 -17.42 20.88 13.71
C ASN B 327 -16.98 22.21 14.30
N ASN B 328 -15.67 22.38 14.45
CA ASN B 328 -15.03 23.55 15.00
C ASN B 328 -13.79 23.86 14.16
N ILE B 329 -13.31 25.12 14.21
CA ILE B 329 -12.10 25.54 13.49
C ILE B 329 -10.87 25.29 14.38
N ILE B 330 -11.01 25.64 15.67
CA ILE B 330 -10.00 25.41 16.70
C ILE B 330 -10.06 23.95 17.11
N PRO B 331 -8.95 23.18 16.96
CA PRO B 331 -8.92 21.78 17.36
C PRO B 331 -9.12 21.57 18.87
N GLU B 332 -9.67 20.39 19.22
CA GLU B 332 -10.20 20.14 20.52
C GLU B 332 -9.07 20.05 21.56
N VAL B 333 -7.83 19.80 21.13
CA VAL B 333 -6.69 19.71 22.07
C VAL B 333 -6.28 21.09 22.59
N SER B 334 -6.71 22.16 21.90
CA SER B 334 -6.39 23.53 22.30
C SER B 334 -7.11 23.87 23.61
N TRP B 335 -6.40 24.55 24.51
CA TRP B 335 -6.96 25.07 25.74
C TRP B 335 -8.16 26.00 25.46
N ALA B 336 -8.24 26.57 24.26
CA ALA B 336 -9.32 27.52 23.93
C ALA B 336 -10.63 26.79 23.59
N SER B 337 -10.54 25.52 23.24
CA SER B 337 -11.68 24.73 22.86
C SER B 337 -12.46 24.33 24.12
N THR B 338 -13.79 24.25 23.98
CA THR B 338 -14.69 23.76 25.00
C THR B 338 -14.88 22.25 24.83
N VAL B 339 -14.54 21.48 25.87
CA VAL B 339 -14.71 20.01 25.97
C VAL B 339 -15.98 19.56 25.23
N ASN B 340 -17.08 20.31 25.38
CA ASN B 340 -18.35 20.07 24.69
C ASN B 340 -18.34 20.72 23.30
N THR B 341 -17.93 19.94 22.28
CA THR B 341 -17.96 20.35 20.87
C THR B 341 -19.42 20.50 20.41
N PRO B 342 -19.88 21.71 20.04
CA PRO B 342 -21.27 21.90 19.62
C PRO B 342 -21.59 21.13 18.32
N GLU B 343 -22.86 21.25 17.91
CA GLU B 343 -23.33 20.71 16.65
C GLU B 343 -23.09 21.78 15.57
N PHE B 344 -22.72 21.31 14.37
CA PHE B 344 -22.49 22.16 13.19
C PHE B 344 -23.82 22.44 12.51
N GLU B 345 -24.13 23.72 12.32
CA GLU B 345 -25.42 24.17 11.76
C GLU B 345 -25.64 23.70 10.31
N PHE B 346 -24.56 23.46 9.55
CA PHE B 346 -24.67 23.16 8.11
C PHE B 346 -24.10 21.76 7.82
N ASP B 347 -24.44 20.82 8.70
CA ASP B 347 -24.05 19.39 8.59
C ASP B 347 -24.92 18.73 7.52
N TYR B 348 -24.53 17.52 7.10
CA TYR B 348 -25.14 16.79 5.99
C TYR B 348 -26.68 16.86 6.05
N HIS B 349 -27.25 17.33 4.93
CA HIS B 349 -28.67 17.37 4.68
C HIS B 349 -28.88 17.40 3.18
N PRO B 350 -28.77 16.24 2.48
CA PRO B 350 -28.65 16.24 1.01
C PRO B 350 -29.90 16.74 0.27
N LYS B 351 -31.06 16.73 0.94
CA LYS B 351 -32.32 17.12 0.33
C LYS B 351 -32.44 18.64 0.30
N ILE B 352 -32.01 19.32 1.38
CA ILE B 352 -31.96 20.80 1.43
C ILE B 352 -30.94 21.32 0.41
N ALA B 353 -29.77 20.66 0.36
CA ALA B 353 -28.68 21.03 -0.53
C ALA B 353 -29.14 21.00 -1.99
N LYS B 354 -29.80 19.89 -2.35
CA LYS B 354 -30.30 19.62 -3.71
C LYS B 354 -31.32 20.69 -4.11
N ASN B 355 -32.24 21.05 -3.19
CA ASN B 355 -33.27 22.10 -3.39
C ASN B 355 -32.64 23.43 -3.77
N LYS B 356 -31.59 23.82 -3.04
CA LYS B 356 -31.00 25.15 -3.16
C LYS B 356 -30.10 25.22 -4.39
N LEU B 357 -29.46 24.11 -4.78
CA LEU B 357 -28.33 24.15 -5.71
C LEU B 357 -28.70 23.66 -7.10
N ALA B 358 -29.53 22.62 -7.20
CA ALA B 358 -29.78 21.89 -8.48
C ALA B 358 -30.23 22.85 -9.60
N ASP B 359 -31.03 23.86 -9.25
CA ASP B 359 -31.62 24.81 -10.21
C ASP B 359 -30.57 25.78 -10.81
N LYS B 360 -29.48 26.02 -10.07
CA LYS B 360 -28.46 27.03 -10.42
C LYS B 360 -27.45 26.51 -11.45
N ASN B 361 -27.42 25.18 -11.68
CA ASN B 361 -26.62 24.59 -12.75
C ASN B 361 -25.15 25.03 -12.62
N LEU B 362 -24.58 24.84 -11.42
CA LEU B 362 -23.24 25.33 -11.07
C LEU B 362 -22.17 24.40 -11.66
N LEU B 363 -21.06 25.00 -12.09
CA LEU B 363 -19.83 24.29 -12.45
C LEU B 363 -18.66 24.85 -11.64
N LEU B 364 -18.14 24.06 -10.69
CA LEU B 364 -17.10 24.50 -9.76
C LEU B 364 -15.78 23.80 -10.06
N ASN B 365 -14.69 24.58 -10.10
CA ASN B 365 -13.33 24.05 -10.16
C ASN B 365 -12.84 23.79 -8.73
N LEU B 366 -12.44 22.55 -8.46
CA LEU B 366 -11.92 22.13 -7.18
C LEU B 366 -10.45 21.75 -7.33
N TRP B 367 -9.57 22.54 -6.69
CA TRP B 367 -8.14 22.23 -6.64
C TRP B 367 -7.88 21.30 -5.45
N VAL B 368 -6.95 20.36 -5.67
CA VAL B 368 -6.40 19.49 -4.65
C VAL B 368 -4.89 19.63 -4.71
N ILE B 369 -4.29 19.94 -3.56
CA ILE B 369 -2.84 20.09 -3.46
C ILE B 369 -2.28 18.68 -3.30
N ASN B 370 -1.39 18.28 -4.22
CA ASN B 370 -0.82 16.94 -4.21
C ASN B 370 0.35 16.89 -3.21
N GLU B 371 0.03 16.66 -1.94
CA GLU B 371 1.02 16.55 -0.90
C GLU B 371 0.50 15.61 0.19
N GLU B 372 1.42 15.01 0.94
CA GLU B 372 1.06 14.16 2.08
C GLU B 372 1.26 14.98 3.36
N GLN B 373 0.14 15.22 4.05
CA GLN B 373 0.11 15.95 5.28
C GLN B 373 -0.76 15.16 6.27
N VAL B 374 -0.49 15.36 7.55
CA VAL B 374 -1.08 14.62 8.65
C VAL B 374 -2.61 14.77 8.64
N TYR B 375 -3.12 15.88 8.06
CA TYR B 375 -4.56 16.17 8.07
C TYR B 375 -5.34 15.45 6.96
N ASN B 376 -4.67 14.88 5.96
CA ASN B 376 -5.37 14.16 4.88
C ASN B 376 -4.45 13.11 4.27
N PRO B 377 -4.67 11.80 4.54
CA PRO B 377 -3.83 10.75 3.96
C PRO B 377 -4.16 10.45 2.49
N ALA B 378 -5.37 10.78 2.02
CA ALA B 378 -5.83 10.46 0.64
C ALA B 378 -6.60 11.63 0.04
N PRO B 379 -5.90 12.73 -0.35
CA PRO B 379 -6.55 13.94 -0.85
C PRO B 379 -7.38 13.77 -2.13
N PHE B 380 -6.91 12.92 -3.06
CA PHE B 380 -7.61 12.72 -4.35
C PHE B 380 -8.86 11.85 -4.12
N LYS B 381 -8.71 10.84 -3.26
CA LYS B 381 -9.82 10.00 -2.86
C LYS B 381 -10.90 10.86 -2.20
N MET B 382 -10.48 11.82 -1.36
CA MET B 382 -11.44 12.71 -0.68
C MET B 382 -12.11 13.64 -1.70
N ALA B 383 -11.29 14.21 -2.61
CA ALA B 383 -11.80 15.08 -3.67
C ALA B 383 -12.91 14.38 -4.48
N GLU B 384 -12.68 13.11 -4.84
CA GLU B 384 -13.61 12.32 -5.66
C GLU B 384 -14.95 12.14 -4.93
N MET B 385 -14.87 11.96 -3.61
CA MET B 385 -16.05 11.76 -2.78
C MET B 385 -16.85 13.06 -2.69
N ILE B 386 -16.14 14.20 -2.63
CA ILE B 386 -16.76 15.53 -2.62
C ILE B 386 -17.43 15.78 -3.97
N LYS B 387 -16.74 15.44 -5.06
CA LYS B 387 -17.26 15.53 -6.43
C LYS B 387 -18.59 14.75 -6.56
N TRP B 388 -18.63 13.58 -5.92
CA TRP B 388 -19.78 12.70 -5.97
C TRP B 388 -20.97 13.33 -5.20
N ASP B 389 -20.72 13.77 -3.97
CA ASP B 389 -21.76 14.31 -3.08
C ASP B 389 -22.43 15.53 -3.71
N LEU B 390 -21.62 16.39 -4.35
CA LEU B 390 -22.11 17.62 -4.99
C LEU B 390 -22.88 17.30 -6.28
N ALA B 391 -22.50 16.20 -6.95
CA ALA B 391 -23.24 15.69 -8.13
C ALA B 391 -24.70 15.40 -7.74
N GLN B 392 -24.90 14.72 -6.61
CA GLN B 392 -26.24 14.39 -6.05
C GLN B 392 -27.06 15.68 -5.80
N ALA B 393 -26.40 16.77 -5.39
CA ALA B 393 -27.06 18.09 -5.16
C ALA B 393 -27.14 18.89 -6.47
N GLY B 394 -26.70 18.27 -7.58
CA GLY B 394 -26.80 18.83 -8.93
C GLY B 394 -25.76 19.89 -9.21
N VAL B 395 -24.57 19.75 -8.62
CA VAL B 395 -23.44 20.63 -8.89
C VAL B 395 -22.35 19.81 -9.58
N LYS B 396 -21.90 20.28 -10.74
CA LYS B 396 -20.85 19.61 -11.48
C LYS B 396 -19.50 20.17 -11.03
N VAL B 397 -18.59 19.26 -10.65
CA VAL B 397 -17.28 19.62 -10.13
C VAL B 397 -16.20 18.99 -11.02
N LYS B 398 -15.30 19.84 -11.52
CA LYS B 398 -14.07 19.45 -12.17
C LYS B 398 -12.94 19.55 -11.13
N VAL B 399 -12.33 18.40 -10.79
CA VAL B 399 -11.17 18.32 -9.92
C VAL B 399 -9.90 18.61 -10.74
N ARG B 400 -8.95 19.30 -10.13
CA ARG B 400 -7.67 19.61 -10.74
C ARG B 400 -6.55 19.44 -9.70
N ALA B 401 -5.71 18.42 -9.90
CA ALA B 401 -4.51 18.21 -9.10
C ALA B 401 -3.52 19.35 -9.37
N VAL B 402 -2.85 19.79 -8.32
CA VAL B 402 -1.99 20.95 -8.33
C VAL B 402 -0.88 20.70 -7.30
N THR B 403 0.30 21.26 -7.57
CA THR B 403 1.47 21.11 -6.69
C THR B 403 1.59 22.37 -5.82
N ARG B 404 2.25 22.23 -4.66
CA ARG B 404 2.46 23.33 -3.73
C ARG B 404 3.18 24.47 -4.44
N PRO B 405 4.29 24.20 -5.17
CA PRO B 405 4.97 25.26 -5.94
C PRO B 405 4.04 26.00 -6.91
N PHE B 406 3.24 25.27 -7.71
CA PHE B 406 2.28 25.88 -8.62
C PHE B 406 1.32 26.77 -7.83
N LEU B 407 0.71 26.23 -6.76
CA LEU B 407 -0.25 26.97 -5.97
C LEU B 407 0.40 28.25 -5.41
N THR B 408 1.62 28.12 -4.86
CA THR B 408 2.36 29.23 -4.24
C THR B 408 2.61 30.35 -5.26
N ALA B 409 3.02 29.95 -6.47
CA ALA B 409 3.28 30.88 -7.57
C ALA B 409 2.02 31.68 -7.92
N GLN B 410 0.87 30.98 -8.03
CA GLN B 410 -0.40 31.60 -8.42
C GLN B 410 -0.85 32.63 -7.37
N LEU B 411 -0.65 32.28 -6.10
CA LEU B 411 -1.01 33.14 -4.96
C LEU B 411 -0.13 34.40 -4.96
N ARG B 412 1.18 34.24 -5.19
CA ARG B 412 2.14 35.35 -5.20
C ARG B 412 1.77 36.36 -6.29
N ASN B 413 1.29 35.90 -7.45
CA ASN B 413 0.96 36.87 -8.51
C ASN B 413 -0.56 36.88 -8.75
N GLN B 414 -1.32 36.43 -7.74
CA GLN B 414 -2.77 36.66 -7.62
C GLN B 414 -3.50 36.25 -8.90
N SER B 415 -3.18 35.06 -9.40
CA SER B 415 -3.85 34.48 -10.58
C SER B 415 -4.69 33.24 -10.20
N GLU B 416 -4.82 32.96 -8.89
CA GLU B 416 -5.61 31.81 -8.38
C GLU B 416 -7.04 31.88 -8.93
N ASN B 417 -7.54 30.80 -9.57
CA ASN B 417 -8.87 30.85 -10.21
C ASN B 417 -9.73 29.61 -9.88
N TYR B 418 -9.43 28.93 -8.78
CA TYR B 418 -10.30 27.85 -8.26
C TYR B 418 -11.57 28.47 -7.63
N ASP B 419 -12.63 27.66 -7.56
CA ASP B 419 -13.84 28.00 -6.81
C ASP B 419 -13.69 27.44 -5.39
N LEU B 420 -13.29 26.16 -5.33
CA LEU B 420 -13.04 25.43 -4.11
C LEU B 420 -11.60 24.95 -4.11
N ILE B 421 -11.00 24.87 -2.91
CA ILE B 421 -9.73 24.17 -2.76
C ILE B 421 -9.76 23.37 -1.45
N LEU B 422 -9.23 22.15 -1.54
CA LEU B 422 -9.09 21.25 -0.43
C LEU B 422 -7.66 21.35 0.13
N SER B 423 -7.57 21.68 1.42
CA SER B 423 -6.29 21.84 2.07
C SER B 423 -6.43 21.53 3.57
N GLY B 424 -5.51 22.09 4.37
CA GLY B 424 -5.55 21.92 5.81
C GLY B 424 -4.53 22.81 6.48
N TRP B 425 -4.46 22.71 7.80
CA TRP B 425 -3.53 23.49 8.59
C TRP B 425 -3.14 22.71 9.84
N LEU B 426 -1.95 22.98 10.34
CA LEU B 426 -1.50 22.42 11.60
C LEU B 426 -0.59 23.44 12.29
N ALA B 427 -0.31 23.21 13.57
CA ALA B 427 0.58 24.11 14.30
C ALA B 427 1.41 23.29 15.28
N GLY B 428 2.53 23.85 15.74
CA GLY B 428 3.39 23.17 16.69
C GLY B 428 3.11 23.62 18.12
N ASN B 429 2.03 24.37 18.31
CA ASN B 429 1.61 24.81 19.65
C ASN B 429 0.08 24.87 19.70
N LEU B 430 -0.47 25.14 20.89
CA LEU B 430 -1.92 25.04 21.14
C LEU B 430 -2.66 26.39 20.95
N ASP B 431 -1.92 27.44 20.62
CA ASP B 431 -2.44 28.79 20.63
C ASP B 431 -3.31 29.00 19.40
N PRO B 432 -4.61 29.38 19.53
CA PRO B 432 -5.42 29.65 18.35
C PRO B 432 -4.93 30.81 17.48
N ASP B 433 -4.04 31.69 17.99
CA ASP B 433 -3.62 32.84 17.21
C ASP B 433 -2.87 32.38 15.96
N GLY B 434 -2.00 31.38 16.12
CA GLY B 434 -1.18 30.88 15.02
C GLY B 434 -1.88 29.80 14.19
N PHE B 435 -2.99 29.27 14.69
CA PHE B 435 -3.82 28.36 13.95
C PHE B 435 -4.78 29.13 13.02
N MET B 436 -5.52 30.11 13.56
CA MET B 436 -6.66 30.70 12.85
C MET B 436 -6.24 31.93 12.03
N ARG B 437 -5.21 32.67 12.47
CA ARG B 437 -4.86 33.96 11.87
C ARG B 437 -4.29 33.78 10.47
N PRO B 438 -3.31 32.88 10.20
CA PRO B 438 -2.82 32.66 8.83
C PRO B 438 -3.89 32.24 7.81
N ILE B 439 -4.89 31.51 8.30
CA ILE B 439 -5.91 30.87 7.46
C ILE B 439 -7.01 31.89 7.10
N LEU B 440 -7.31 32.86 7.98
CA LEU B 440 -8.57 33.60 7.87
C LEU B 440 -8.41 35.12 8.03
N SER B 441 -7.23 35.62 8.43
CA SER B 441 -7.05 37.05 8.64
C SER B 441 -6.83 37.79 7.32
N CYS B 442 -7.20 39.08 7.33
CA CYS B 442 -7.09 39.97 6.17
C CYS B 442 -5.62 40.21 5.81
N GLY B 443 -5.45 40.92 4.69
CA GLY B 443 -4.19 41.50 4.27
C GLY B 443 -3.36 40.56 3.42
N THR B 444 -2.42 41.16 2.69
CA THR B 444 -1.59 40.49 1.71
C THR B 444 -0.47 39.69 2.40
N LYS B 445 -0.19 40.01 3.65
CA LYS B 445 0.80 39.28 4.45
C LYS B 445 0.31 37.89 4.85
N ASN B 446 -0.92 37.52 4.46
CA ASN B 446 -1.49 36.18 4.68
C ASN B 446 -1.94 35.57 3.34
N GLU B 447 -1.50 36.14 2.20
CA GLU B 447 -2.06 35.76 0.90
C GLU B 447 -1.62 34.33 0.50
N LEU B 448 -0.54 33.84 1.12
CA LEU B 448 -0.01 32.52 0.81
C LEU B 448 -0.73 31.42 1.59
N THR B 449 -1.39 31.79 2.69
CA THR B 449 -2.00 30.84 3.64
C THR B 449 -3.53 30.99 3.71
N ASN B 450 -4.09 32.14 3.32
CA ASN B 450 -5.56 32.40 3.34
C ASN B 450 -6.10 32.16 1.93
N LEU B 451 -6.47 30.91 1.68
CA LEU B 451 -6.92 30.40 0.39
C LEU B 451 -8.36 30.81 0.07
N SER B 452 -9.09 31.31 1.07
CA SER B 452 -10.47 31.75 0.91
C SER B 452 -10.54 33.16 0.32
N ASN B 453 -9.42 33.90 0.43
CA ASN B 453 -9.38 35.30 0.09
C ASN B 453 -10.41 36.03 0.94
N TRP B 454 -10.53 35.61 2.19
CA TRP B 454 -11.55 36.07 3.08
C TRP B 454 -11.00 37.18 3.97
N CYS B 455 -11.82 38.22 4.12
CA CYS B 455 -11.52 39.36 4.98
C CYS B 455 -12.78 39.79 5.72
N ASN B 456 -12.69 39.78 7.05
CA ASN B 456 -13.77 40.08 7.95
C ASN B 456 -13.20 40.90 9.12
N GLU B 457 -13.58 42.18 9.19
CA GLU B 457 -13.06 43.15 10.16
C GLU B 457 -13.39 42.69 11.59
N GLU B 458 -14.61 42.17 11.75
CA GLU B 458 -15.10 41.70 13.05
C GLU B 458 -14.23 40.54 13.53
N PHE B 459 -13.93 39.60 12.61
CA PHE B 459 -13.03 38.49 12.89
C PHE B 459 -11.65 39.02 13.33
N ASP B 460 -11.08 39.94 12.56
CA ASP B 460 -9.74 40.43 12.85
C ASP B 460 -9.71 41.16 14.21
N GLN B 461 -10.81 41.81 14.61
CA GLN B 461 -10.85 42.51 15.91
C GLN B 461 -10.81 41.48 17.06
N PHE B 462 -11.52 40.36 16.91
CA PHE B 462 -11.51 39.30 17.91
C PHE B 462 -10.07 38.78 18.10
N MET B 463 -9.38 38.54 16.98
CA MET B 463 -8.03 37.97 16.98
C MET B 463 -7.05 38.98 17.62
N ASP B 464 -7.20 40.25 17.29
CA ASP B 464 -6.31 41.30 17.79
C ASP B 464 -6.56 41.53 19.28
N ARG B 465 -7.82 41.42 19.69
CA ARG B 465 -8.18 41.54 21.09
C ARG B 465 -7.56 40.37 21.87
N ALA B 466 -7.61 39.19 21.27
CA ALA B 466 -7.21 37.95 21.88
C ALA B 466 -5.70 37.94 22.18
N ILE B 467 -4.88 38.76 21.51
CA ILE B 467 -3.45 38.74 21.81
C ILE B 467 -2.99 40.01 22.55
N THR B 468 -3.93 40.89 22.96
CA THR B 468 -3.56 42.09 23.73
C THR B 468 -3.65 41.82 25.24
N THR B 469 -4.17 40.65 25.62
CA THR B 469 -4.34 40.25 27.01
C THR B 469 -3.74 38.85 27.21
N SER B 470 -3.26 38.59 28.42
CA SER B 470 -2.75 37.28 28.83
C SER B 470 -3.79 36.52 29.69
N HIS B 471 -4.97 37.13 29.90
CA HIS B 471 -6.07 36.55 30.68
C HIS B 471 -6.73 35.41 29.88
N LEU B 472 -6.50 34.18 30.34
CA LEU B 472 -6.82 32.95 29.62
C LEU B 472 -8.29 32.96 29.20
N SER B 473 -9.18 33.22 30.17
CA SER B 473 -10.62 33.16 29.93
C SER B 473 -11.02 34.25 28.94
N SER B 474 -10.38 35.41 29.06
CA SER B 474 -10.60 36.53 28.17
C SER B 474 -10.21 36.13 26.73
N ARG B 475 -9.02 35.54 26.59
CA ARG B 475 -8.55 35.08 25.29
C ARG B 475 -9.46 33.98 24.74
N ALA B 476 -9.86 33.03 25.59
CA ALA B 476 -10.71 31.90 25.17
C ALA B 476 -12.05 32.41 24.61
N LYS B 477 -12.66 33.37 25.32
CA LYS B 477 -13.92 33.94 24.92
C LYS B 477 -13.77 34.59 23.53
N ALA B 478 -12.66 35.32 23.33
CA ALA B 478 -12.38 36.03 22.06
C ALA B 478 -12.26 35.02 20.92
N TYR B 479 -11.53 33.92 21.17
CA TYR B 479 -11.29 32.91 20.14
C TYR B 479 -12.57 32.15 19.82
N ASN B 480 -13.44 31.96 20.81
CA ASN B 480 -14.71 31.27 20.56
C ASN B 480 -15.66 32.19 19.77
N GLU B 481 -15.59 33.50 20.01
CA GLU B 481 -16.42 34.45 19.27
C GLU B 481 -15.95 34.50 17.81
N ALA B 482 -14.62 34.48 17.61
CA ALA B 482 -14.02 34.46 16.27
C ALA B 482 -14.46 33.18 15.53
N GLN B 483 -14.33 32.04 16.21
CA GLN B 483 -14.63 30.74 15.64
C GLN B 483 -16.12 30.63 15.28
N GLU B 484 -16.99 31.09 16.19
CA GLU B 484 -18.45 31.05 16.01
C GLU B 484 -18.84 31.86 14.77
N LEU B 485 -18.18 33.00 14.57
CA LEU B 485 -18.38 33.84 13.39
C LEU B 485 -18.00 33.07 12.11
N VAL B 486 -16.85 32.38 12.15
CA VAL B 486 -16.35 31.61 11.00
C VAL B 486 -17.37 30.53 10.64
N LEU B 487 -17.93 29.82 11.64
CA LEU B 487 -18.83 28.68 11.39
C LEU B 487 -20.20 29.16 10.87
N ARG B 488 -20.53 30.43 11.08
CA ARG B 488 -21.75 31.05 10.54
C ARG B 488 -21.51 31.46 9.07
N GLU B 489 -20.37 32.11 8.81
CA GLU B 489 -20.05 32.72 7.51
C GLU B 489 -19.55 31.66 6.51
N LEU B 490 -18.91 30.59 6.99
CA LEU B 490 -18.42 29.45 6.17
C LEU B 490 -17.43 29.88 5.10
N PRO B 491 -16.34 30.61 5.45
CA PRO B 491 -15.26 30.84 4.50
C PRO B 491 -14.52 29.53 4.22
N ILE B 492 -14.48 28.64 5.23
CA ILE B 492 -14.02 27.28 5.07
C ILE B 492 -15.07 26.33 5.66
N ILE B 493 -14.98 25.06 5.25
CA ILE B 493 -15.79 23.98 5.82
C ILE B 493 -14.82 23.04 6.53
N PRO B 494 -14.85 22.94 7.88
CA PRO B 494 -13.97 22.07 8.61
C PRO B 494 -14.39 20.62 8.32
N ILE B 495 -13.42 19.71 8.19
CA ILE B 495 -13.79 18.33 7.86
C ILE B 495 -13.28 17.39 8.94
N ALA B 496 -11.98 17.41 9.21
CA ALA B 496 -11.44 16.39 10.12
C ALA B 496 -10.25 16.91 10.92
N ASN B 497 -10.21 16.51 12.20
CA ASN B 497 -9.04 16.58 13.06
C ASN B 497 -8.46 15.17 13.13
N VAL B 498 -7.15 15.03 12.90
CA VAL B 498 -6.49 13.72 12.80
C VAL B 498 -5.71 13.44 14.09
N LYS B 499 -5.89 12.22 14.60
CA LYS B 499 -5.26 11.76 15.81
C LYS B 499 -3.83 11.30 15.51
N ARG B 500 -2.98 11.43 16.54
CA ARG B 500 -1.59 10.93 16.57
C ARG B 500 -1.65 9.58 17.30
N ILE B 501 -1.34 8.49 16.60
CA ILE B 501 -1.49 7.13 17.08
C ILE B 501 -0.14 6.40 17.01
N LEU B 502 0.14 5.61 18.04
CA LEU B 502 1.22 4.64 17.97
C LEU B 502 0.76 3.30 18.56
N VAL B 503 1.56 2.27 18.30
CA VAL B 503 1.42 0.95 18.88
C VAL B 503 2.66 0.71 19.74
N ALA B 504 2.44 0.22 20.96
CA ALA B 504 3.51 -0.08 21.90
C ALA B 504 3.37 -1.52 22.37
N ASN B 505 4.52 -2.15 22.57
CA ASN B 505 4.66 -3.43 23.18
C ASN B 505 4.28 -3.30 24.67
N SER B 506 3.55 -4.31 25.19
CA SER B 506 2.89 -4.25 26.51
C SER B 506 3.90 -4.23 27.67
N ARG B 507 5.14 -4.61 27.38
CA ARG B 507 6.25 -4.50 28.33
C ARG B 507 6.69 -3.03 28.52
N VAL B 508 6.17 -2.09 27.72
CA VAL B 508 6.62 -0.69 27.74
C VAL B 508 5.56 0.19 28.41
N LYS B 509 6.00 1.01 29.37
CA LYS B 509 5.17 2.03 30.02
C LYS B 509 5.82 3.42 29.85
N GLY B 510 5.06 4.44 30.24
CA GLY B 510 5.51 5.83 30.24
C GLY B 510 5.39 6.47 28.87
N VAL B 511 4.50 5.93 28.03
CA VAL B 511 4.28 6.40 26.68
C VAL B 511 3.25 7.53 26.71
N LYS B 512 3.69 8.76 26.38
CA LYS B 512 2.78 9.89 26.21
C LYS B 512 3.14 10.65 24.91
N MET B 513 2.32 10.47 23.88
CA MET B 513 2.44 11.12 22.58
C MET B 513 1.78 12.51 22.66
N THR B 514 2.50 13.56 22.23
CA THR B 514 2.01 14.94 22.26
C THR B 514 1.02 15.17 21.11
N PRO B 515 0.18 16.22 21.17
CA PRO B 515 -0.72 16.55 20.06
C PRO B 515 -0.02 16.99 18.77
N PHE B 516 1.31 17.11 18.79
CA PHE B 516 2.06 17.59 17.62
C PHE B 516 2.85 16.46 16.98
N GLY B 517 2.73 15.24 17.51
CA GLY B 517 3.40 14.07 16.96
C GLY B 517 4.62 13.61 17.74
N SER B 518 5.15 14.44 18.65
CA SER B 518 6.29 14.01 19.43
C SER B 518 5.85 13.11 20.59
N LEU B 519 6.84 12.59 21.31
CA LEU B 519 6.70 11.56 22.32
C LEU B 519 7.91 11.75 23.25
N ASP B 520 7.73 11.74 24.56
CA ASP B 520 8.84 11.96 25.48
C ASP B 520 9.50 10.61 25.81
N PHE B 521 10.71 10.40 25.25
CA PHE B 521 11.46 9.15 25.42
C PHE B 521 11.96 8.98 26.86
N SER B 522 12.18 10.10 27.57
CA SER B 522 12.83 10.09 28.88
C SER B 522 11.95 9.45 29.96
N THR B 523 10.64 9.31 29.69
CA THR B 523 9.70 8.70 30.64
C THR B 523 9.42 7.24 30.30
N LEU B 524 9.93 6.75 29.17
CA LEU B 524 9.71 5.36 28.80
C LEU B 524 10.49 4.46 29.77
N TYR B 525 9.89 3.31 30.11
CA TYR B 525 10.58 2.26 30.85
C TYR B 525 9.88 0.93 30.61
N PHE B 526 10.61 -0.14 30.94
CA PHE B 526 10.15 -1.52 30.86
C PHE B 526 9.58 -1.95 32.22
N ILE B 527 8.38 -2.53 32.21
CA ILE B 527 7.79 -3.24 33.37
C ILE B 527 8.07 -4.73 33.20
#